data_9GLX
#
_entry.id   9GLX
#
_cell.length_a   83.89
_cell.length_b   121.26
_cell.length_c   124.886
_cell.angle_alpha   90
_cell.angle_beta   90
_cell.angle_gamma   90
#
_symmetry.space_group_name_H-M   'P 21 21 21'
#
loop_
_entity.id
_entity.type
_entity.pdbx_description
1 polymer 'GTPase NRas'
2 polymer 'peptide MPB3'
3 non-polymer 'MAGNESIUM ION'
4 non-polymer "GUANOSINE-5'-TRIPHOSPHATE"
5 water water
#
loop_
_entity_poly.entity_id
_entity_poly.type
_entity_poly.pdbx_seq_one_letter_code
_entity_poly.pdbx_strand_id
1 'polypeptide(L)'
;GPMTEYKLVVVGAGGVGKSALTIQLIQNHFVDEYDPTIEDSYRKQVVIDGETSLLDILDTAGREEYSAMRDQYMRTGEGF
LLVFAINNSKSFADINLYREQIKRVKDSDDVPMVLVGNKSDLPTRTVDTKQAHELAKSYGIPFIETSAKTRQGVEDAFYT
LVREIRQYRMK
;
A,B,C,D,E,F
2 'polypeptide(L)' FIYWPWADLGVPD(CCS)G(NH2) G,K,N,Q,R,S,T,U,V,W
#
loop_
_chem_comp.id
_chem_comp.type
_chem_comp.name
_chem_comp.formula
GTP non-polymer GUANOSINE-5'-TRIPHOSPHATE 'C10 H16 N5 O14 P3'
MG non-polymer 'MAGNESIUM ION' 'Mg 2'
NH2 non-polymer 'AMINO GROUP' 'H2 N'
#
# COMPACT_ATOMS: atom_id res chain seq x y z
N GLY A 1 -27.47 13.37 -25.66
CA GLY A 1 -28.25 14.54 -25.29
C GLY A 1 -27.63 15.82 -25.83
N PRO A 2 -27.64 16.90 -25.04
CA PRO A 2 -27.04 18.16 -25.50
C PRO A 2 -25.51 18.10 -25.52
N MET A 3 -24.92 17.50 -24.49
CA MET A 3 -23.48 17.40 -24.38
C MET A 3 -23.02 16.00 -24.00
N THR A 4 -21.83 15.64 -24.44
CA THR A 4 -21.22 14.37 -24.12
C THR A 4 -20.02 14.70 -23.18
N GLU A 5 -19.51 13.72 -22.44
CA GLU A 5 -18.39 13.97 -21.54
C GLU A 5 -17.35 12.91 -21.70
N TYR A 6 -16.06 13.33 -21.69
CA TYR A 6 -14.95 12.40 -21.86
C TYR A 6 -13.90 12.65 -20.80
N LYS A 7 -13.48 11.60 -20.09
CA LYS A 7 -12.43 11.70 -19.04
C LYS A 7 -11.08 11.28 -19.67
N LEU A 8 -10.22 12.24 -19.95
CA LEU A 8 -8.93 11.99 -20.58
C LEU A 8 -7.83 12.12 -19.54
N VAL A 9 -6.81 11.25 -19.60
CA VAL A 9 -5.67 11.32 -18.68
C VAL A 9 -4.36 11.40 -19.49
N VAL A 10 -3.50 12.36 -19.17
CA VAL A 10 -2.23 12.56 -19.85
C VAL A 10 -1.13 11.99 -18.92
N VAL A 11 -0.44 10.92 -19.39
CA VAL A 11 0.56 10.16 -18.63
C VAL A 11 1.88 10.10 -19.38
N GLY A 12 2.93 9.78 -18.66
CA GLY A 12 4.28 9.72 -19.21
C GLY A 12 5.31 10.18 -18.22
N ALA A 13 6.59 9.90 -18.51
CA ALA A 13 7.74 10.24 -17.66
C ALA A 13 7.84 11.76 -17.37
N GLY A 14 8.59 12.14 -16.33
CA GLY A 14 8.74 13.56 -15.97
C GLY A 14 9.39 14.36 -17.07
N GLY A 15 8.86 15.57 -17.30
CA GLY A 15 9.43 16.54 -18.22
C GLY A 15 9.28 16.35 -19.71
N VAL A 16 8.42 15.43 -20.14
CA VAL A 16 8.21 15.15 -21.57
C VAL A 16 7.29 16.17 -22.26
N GLY A 17 6.51 16.94 -21.47
CA GLY A 17 5.62 17.93 -22.05
C GLY A 17 4.14 17.68 -21.88
N LYS A 18 3.73 16.87 -20.89
CA LYS A 18 2.31 16.63 -20.63
C LYS A 18 1.57 17.94 -20.26
N SER A 19 2.11 18.72 -19.32
CA SER A 19 1.47 19.96 -18.91
C SER A 19 1.49 20.97 -20.05
N ALA A 20 2.62 21.04 -20.77
CA ALA A 20 2.72 21.98 -21.89
C ALA A 20 1.71 21.61 -23.00
N LEU A 21 1.44 20.31 -23.23
CA LEU A 21 0.47 19.92 -24.26
C LEU A 21 -0.93 20.30 -23.82
N THR A 22 -1.25 20.03 -22.56
CA THR A 22 -2.55 20.32 -22.00
C THR A 22 -2.83 21.82 -21.99
N ILE A 23 -1.85 22.60 -21.55
CA ILE A 23 -1.99 24.06 -21.47
C ILE A 23 -2.06 24.68 -22.85
N GLN A 24 -1.35 24.13 -23.85
CA GLN A 24 -1.47 24.61 -25.22
C GLN A 24 -2.94 24.31 -25.71
N LEU A 25 -3.48 23.11 -25.41
CA LEU A 25 -4.87 22.82 -25.81
C LEU A 25 -5.91 23.77 -25.20
N ILE A 26 -5.85 23.96 -23.88
CA ILE A 26 -6.80 24.70 -23.04
C ILE A 26 -6.62 26.24 -23.07
N GLN A 27 -5.39 26.74 -23.00
CA GLN A 27 -5.10 28.17 -22.95
C GLN A 27 -4.49 28.78 -24.19
N ASN A 28 -4.13 27.99 -25.20
CA ASN A 28 -3.48 28.52 -26.41
C ASN A 28 -2.19 29.26 -26.06
N HIS A 29 -1.41 28.71 -25.12
CA HIS A 29 -0.14 29.31 -24.67
C HIS A 29 0.92 28.20 -24.47
N PHE A 30 2.19 28.49 -24.78
CA PHE A 30 3.29 27.55 -24.54
C PHE A 30 3.98 27.89 -23.23
N VAL A 31 4.06 26.94 -22.31
CA VAL A 31 4.78 27.12 -21.06
C VAL A 31 6.28 26.76 -21.29
N ASP A 32 7.19 27.74 -21.12
CA ASP A 32 8.65 27.56 -21.30
C ASP A 32 9.28 26.99 -20.01
N GLU A 33 8.79 27.45 -18.85
CA GLU A 33 9.33 27.00 -17.58
C GLU A 33 8.87 25.58 -17.28
N TYR A 34 9.67 24.84 -16.51
CA TYR A 34 9.29 23.49 -16.09
C TYR A 34 8.86 23.53 -14.63
N ASP A 35 7.55 23.46 -14.41
CA ASP A 35 6.91 23.41 -13.08
C ASP A 35 6.41 21.97 -12.88
N PRO A 36 7.18 21.09 -12.23
CA PRO A 36 6.76 19.68 -12.13
C PRO A 36 5.41 19.48 -11.46
N THR A 37 4.57 18.67 -12.10
CA THR A 37 3.19 18.42 -11.65
C THR A 37 3.04 17.37 -10.54
N ILE A 38 2.05 17.58 -9.70
CA ILE A 38 1.61 16.60 -8.71
C ILE A 38 0.36 16.00 -9.35
N GLU A 39 -0.73 16.79 -9.51
CA GLU A 39 -1.93 16.36 -10.23
C GLU A 39 -2.83 17.57 -10.40
N ASP A 40 -3.07 17.98 -11.64
CA ASP A 40 -3.96 19.10 -11.94
C ASP A 40 -5.14 18.57 -12.76
N SER A 41 -6.28 19.27 -12.70
CA SER A 41 -7.45 18.85 -13.52
C SER A 41 -8.09 20.05 -14.23
N TYR A 42 -8.56 19.84 -15.45
CA TYR A 42 -9.17 20.89 -16.25
C TYR A 42 -10.47 20.40 -16.87
N ARG A 43 -11.40 21.31 -17.17
CA ARG A 43 -12.63 20.95 -17.86
C ARG A 43 -12.78 21.97 -18.98
N LYS A 44 -12.84 21.49 -20.23
CA LYS A 44 -12.95 22.41 -21.37
C LYS A 44 -13.96 21.87 -22.40
N GLN A 45 -14.89 22.71 -22.80
CA GLN A 45 -15.91 22.35 -23.78
C GLN A 45 -15.36 22.57 -25.17
N VAL A 46 -15.53 21.57 -26.06
CA VAL A 46 -15.03 21.59 -27.44
C VAL A 46 -16.11 21.02 -28.37
N VAL A 47 -15.93 21.21 -29.67
CA VAL A 47 -16.81 20.62 -30.68
C VAL A 47 -15.91 19.77 -31.55
N ILE A 48 -16.13 18.45 -31.56
CA ILE A 48 -15.31 17.54 -32.35
C ILE A 48 -16.22 16.80 -33.30
N ASP A 49 -16.07 17.04 -34.61
CA ASP A 49 -16.90 16.45 -35.68
C ASP A 49 -18.39 16.71 -35.45
N GLY A 50 -18.70 17.91 -34.98
CA GLY A 50 -20.08 18.29 -34.71
C GLY A 50 -20.61 17.89 -33.35
N GLU A 51 -19.83 17.15 -32.57
CA GLU A 51 -20.27 16.75 -31.24
C GLU A 51 -19.78 17.73 -30.18
N THR A 52 -20.72 18.33 -29.41
CA THR A 52 -20.33 19.22 -28.31
C THR A 52 -19.92 18.29 -27.18
N SER A 53 -18.67 18.39 -26.74
CA SER A 53 -18.14 17.50 -25.74
C SER A 53 -17.52 18.33 -24.60
N LEU A 54 -17.61 17.84 -23.36
CA LEU A 54 -16.89 18.43 -22.26
C LEU A 54 -15.73 17.47 -22.00
N LEU A 55 -14.50 17.97 -22.14
CA LEU A 55 -13.32 17.16 -21.87
C LEU A 55 -12.87 17.41 -20.43
N ASP A 56 -12.86 16.38 -19.59
CA ASP A 56 -12.31 16.48 -18.25
C ASP A 56 -10.90 15.91 -18.45
N ILE A 57 -9.86 16.71 -18.27
CA ILE A 57 -8.49 16.26 -18.52
C ILE A 57 -7.69 16.29 -17.23
N LEU A 58 -7.11 15.12 -16.89
CA LEU A 58 -6.28 15.04 -15.70
C LEU A 58 -4.83 15.06 -16.16
N ASP A 59 -4.07 16.03 -15.67
CA ASP A 59 -2.66 16.21 -16.00
C ASP A 59 -1.88 15.63 -14.82
N THR A 60 -1.24 14.47 -15.05
CA THR A 60 -0.61 13.65 -14.00
C THR A 60 0.91 13.91 -13.81
N ALA A 61 1.46 13.36 -12.74
CA ALA A 61 2.87 13.50 -12.40
C ALA A 61 3.72 12.44 -13.11
N GLY A 62 4.81 12.88 -13.73
CA GLY A 62 5.80 11.99 -14.32
C GLY A 62 6.82 11.55 -13.28
N ARG A 63 7.06 12.35 -12.23
CA ARG A 63 8.01 12.01 -11.18
C ARG A 63 7.63 10.73 -10.45
N GLU A 64 8.59 9.78 -10.33
CA GLU A 64 8.36 8.47 -9.71
C GLU A 64 7.69 8.51 -8.35
N GLU A 65 8.03 9.49 -7.51
CA GLU A 65 7.49 9.55 -6.15
C GLU A 65 5.97 9.76 -6.08
N TYR A 66 5.31 10.06 -7.21
CA TYR A 66 3.85 10.16 -7.23
C TYR A 66 3.17 8.92 -7.82
N SER A 67 3.91 7.82 -7.99
CA SER A 67 3.37 6.61 -8.59
C SER A 67 2.20 5.96 -7.86
N ALA A 68 2.04 6.21 -6.54
CA ALA A 68 0.92 5.60 -5.80
C ALA A 68 -0.45 6.16 -6.19
N MET A 69 -0.48 7.27 -6.94
CA MET A 69 -1.73 7.92 -7.39
C MET A 69 -2.25 7.34 -8.72
N ARG A 70 -1.44 6.49 -9.39
CA ARG A 70 -1.79 5.93 -10.69
C ARG A 70 -3.03 5.04 -10.69
N ASP A 71 -3.13 4.05 -9.78
CA ASP A 71 -4.30 3.13 -9.75
C ASP A 71 -5.65 3.85 -9.84
N GLN A 72 -5.84 4.90 -9.03
CA GLN A 72 -7.09 5.68 -9.00
C GLN A 72 -7.39 6.36 -10.34
N TYR A 73 -6.43 7.11 -10.93
CA TYR A 73 -6.72 7.77 -12.20
C TYR A 73 -6.85 6.78 -13.36
N MET A 74 -6.21 5.60 -13.25
CA MET A 74 -6.33 4.58 -14.27
C MET A 74 -7.72 3.96 -14.23
N ARG A 75 -8.27 3.75 -13.03
CA ARG A 75 -9.64 3.21 -12.90
C ARG A 75 -10.66 4.20 -13.45
N THR A 76 -10.47 5.49 -13.14
CA THR A 76 -11.43 6.51 -13.56
C THR A 76 -11.35 6.90 -15.04
N GLY A 77 -10.14 7.17 -15.52
CA GLY A 77 -9.91 7.65 -16.88
C GLY A 77 -10.51 6.78 -17.95
N GLU A 78 -11.07 7.41 -18.98
CA GLU A 78 -11.68 6.69 -20.10
C GLU A 78 -10.74 6.52 -21.29
N GLY A 79 -9.73 7.38 -21.39
CA GLY A 79 -8.74 7.34 -22.45
C GLY A 79 -7.44 7.93 -21.97
N PHE A 80 -6.33 7.43 -22.49
CA PHE A 80 -5.00 7.85 -22.01
C PHE A 80 -4.09 8.31 -23.14
N LEU A 81 -3.45 9.46 -22.98
CA LEU A 81 -2.40 9.93 -23.90
C LEU A 81 -1.09 9.42 -23.28
N LEU A 82 -0.33 8.54 -23.98
CA LEU A 82 0.95 8.01 -23.50
C LEU A 82 2.00 8.90 -24.11
N VAL A 83 2.51 9.85 -23.34
CA VAL A 83 3.42 10.87 -23.85
C VAL A 83 4.87 10.54 -23.55
N PHE A 84 5.74 10.68 -24.57
CA PHE A 84 7.18 10.61 -24.43
C PHE A 84 7.79 11.82 -25.18
N ALA A 85 9.07 12.14 -24.94
CA ALA A 85 9.72 13.24 -25.68
C ALA A 85 10.68 12.59 -26.68
N ILE A 86 10.70 13.08 -27.91
CA ILE A 86 11.49 12.46 -28.97
C ILE A 86 13.01 12.58 -28.78
N ASN A 87 13.46 13.39 -27.83
CA ASN A 87 14.89 13.47 -27.52
C ASN A 87 15.19 12.81 -26.12
N ASN A 88 14.30 11.93 -25.64
CA ASN A 88 14.45 11.30 -24.33
C ASN A 88 14.10 9.82 -24.53
N SER A 89 15.09 8.99 -24.84
CA SER A 89 14.87 7.56 -25.10
C SER A 89 14.39 6.82 -23.85
N LYS A 90 14.76 7.29 -22.63
CA LYS A 90 14.27 6.65 -21.41
C LYS A 90 12.73 6.82 -21.30
N SER A 91 12.22 8.03 -21.61
CA SER A 91 10.78 8.28 -21.57
C SER A 91 10.01 7.41 -22.59
N PHE A 92 10.64 7.12 -23.71
CA PHE A 92 10.05 6.25 -24.73
C PHE A 92 9.99 4.81 -24.17
N ALA A 93 11.06 4.34 -23.49
CA ALA A 93 11.06 2.98 -22.90
C ALA A 93 10.03 2.87 -21.76
N ASP A 94 9.80 3.98 -21.04
CA ASP A 94 8.80 4.02 -19.94
C ASP A 94 7.35 3.91 -20.39
N ILE A 95 7.05 4.18 -21.67
CA ILE A 95 5.69 4.05 -22.22
C ILE A 95 5.09 2.66 -21.94
N ASN A 96 5.88 1.59 -22.12
CA ASN A 96 5.37 0.22 -21.88
C ASN A 96 4.88 0.01 -20.45
N LEU A 97 5.57 0.55 -19.45
CA LEU A 97 5.15 0.41 -18.06
C LEU A 97 3.78 1.04 -17.82
N TYR A 98 3.53 2.23 -18.41
CA TYR A 98 2.24 2.88 -18.28
C TYR A 98 1.14 2.04 -18.96
N ARG A 99 1.37 1.58 -20.20
CA ARG A 99 0.37 0.78 -20.91
C ARG A 99 0.05 -0.51 -20.15
N GLU A 100 1.09 -1.16 -19.60
CA GLU A 100 0.88 -2.37 -18.83
C GLU A 100 0.08 -2.12 -17.55
N GLN A 101 0.36 -1.03 -16.82
CA GLN A 101 -0.41 -0.75 -15.60
C GLN A 101 -1.86 -0.43 -15.92
N ILE A 102 -2.12 0.34 -17.00
CA ILE A 102 -3.49 0.68 -17.40
C ILE A 102 -4.30 -0.60 -17.69
N LYS A 103 -3.69 -1.50 -18.47
CA LYS A 103 -4.24 -2.78 -18.86
C LYS A 103 -4.61 -3.62 -17.64
N ARG A 104 -3.69 -3.70 -16.67
CA ARG A 104 -3.90 -4.47 -15.46
C ARG A 104 -5.01 -3.86 -14.60
N VAL A 105 -4.95 -2.55 -14.32
CA VAL A 105 -5.92 -1.82 -13.49
C VAL A 105 -7.35 -1.85 -14.07
N LYS A 106 -7.47 -1.63 -15.37
CA LYS A 106 -8.78 -1.65 -16.02
C LYS A 106 -9.20 -3.04 -16.49
N ASP A 107 -8.33 -4.08 -16.33
CA ASP A 107 -8.57 -5.47 -16.73
C ASP A 107 -9.09 -5.54 -18.16
N SER A 108 -8.42 -4.83 -19.05
CA SER A 108 -8.85 -4.75 -20.45
C SER A 108 -7.67 -4.58 -21.39
N ASP A 109 -7.79 -5.16 -22.57
CA ASP A 109 -6.80 -5.08 -23.63
C ASP A 109 -7.20 -4.07 -24.74
N ASP A 110 -8.36 -3.39 -24.63
CA ASP A 110 -8.79 -2.44 -25.64
C ASP A 110 -9.07 -1.05 -25.09
N VAL A 111 -8.40 -0.66 -23.99
CA VAL A 111 -8.61 0.69 -23.42
C VAL A 111 -8.17 1.76 -24.41
N PRO A 112 -9.01 2.77 -24.70
CA PRO A 112 -8.58 3.82 -25.63
C PRO A 112 -7.29 4.51 -25.24
N MET A 113 -6.33 4.48 -26.15
CA MET A 113 -5.03 5.11 -25.90
C MET A 113 -4.49 5.69 -27.20
N VAL A 114 -3.57 6.66 -27.10
CA VAL A 114 -2.88 7.26 -28.23
C VAL A 114 -1.43 7.44 -27.76
N LEU A 115 -0.46 7.06 -28.57
CA LEU A 115 0.94 7.27 -28.27
C LEU A 115 1.28 8.65 -28.80
N VAL A 116 1.91 9.48 -27.99
CA VAL A 116 2.28 10.84 -28.39
C VAL A 116 3.80 11.02 -28.28
N GLY A 117 4.43 11.39 -29.40
CA GLY A 117 5.85 11.72 -29.44
C GLY A 117 5.98 13.23 -29.48
N ASN A 118 6.27 13.84 -28.33
CA ASN A 118 6.30 15.29 -28.21
C ASN A 118 7.69 15.91 -28.46
N LYS A 119 7.72 17.26 -28.64
CA LYS A 119 8.91 18.08 -28.89
C LYS A 119 9.38 17.92 -30.33
N SER A 120 8.44 17.74 -31.29
N SER A 120 8.44 17.73 -31.29
CA SER A 120 8.77 17.58 -32.71
CA SER A 120 8.78 17.57 -32.71
C SER A 120 9.43 18.82 -33.33
C SER A 120 9.45 18.81 -33.32
N ASP A 121 9.41 19.96 -32.64
CA ASP A 121 10.06 21.18 -33.12
C ASP A 121 11.59 21.13 -32.97
N LEU A 122 12.14 20.16 -32.21
CA LEU A 122 13.57 20.06 -32.00
C LEU A 122 14.31 19.71 -33.25
N PRO A 123 15.53 20.24 -33.39
CA PRO A 123 16.31 19.98 -34.62
C PRO A 123 16.93 18.59 -34.70
N THR A 124 17.04 17.91 -33.56
CA THR A 124 17.60 16.55 -33.52
C THR A 124 16.74 15.72 -32.59
N ARG A 125 16.81 14.39 -32.74
CA ARG A 125 16.01 13.49 -31.90
C ARG A 125 16.72 12.15 -31.68
N THR A 126 16.35 11.44 -30.61
CA THR A 126 16.96 10.13 -30.32
C THR A 126 15.99 8.96 -30.50
N VAL A 127 14.71 9.23 -30.69
CA VAL A 127 13.73 8.20 -30.93
C VAL A 127 13.20 8.42 -32.34
N ASP A 128 13.46 7.46 -33.24
CA ASP A 128 13.03 7.56 -34.63
C ASP A 128 11.51 7.52 -34.75
N THR A 129 10.92 8.25 -35.72
CA THR A 129 9.49 8.20 -36.01
C THR A 129 9.06 6.75 -36.27
N LYS A 130 9.87 5.99 -37.04
CA LYS A 130 9.55 4.60 -37.37
C LYS A 130 9.55 3.70 -36.14
N GLN A 131 10.43 3.97 -35.19
CA GLN A 131 10.51 3.19 -33.96
C GLN A 131 9.24 3.39 -33.12
N ALA A 132 8.78 4.63 -32.99
CA ALA A 132 7.57 4.93 -32.24
C ALA A 132 6.34 4.43 -32.98
N HIS A 133 6.32 4.56 -34.31
CA HIS A 133 5.17 4.05 -35.10
C HIS A 133 5.07 2.53 -34.97
N GLU A 134 6.21 1.85 -34.94
CA GLU A 134 6.27 0.41 -34.81
C GLU A 134 5.66 -0.04 -33.49
N LEU A 135 5.96 0.67 -32.39
CA LEU A 135 5.43 0.36 -31.07
C LEU A 135 3.91 0.58 -31.06
N ALA A 136 3.45 1.72 -31.57
CA ALA A 136 2.01 2.04 -31.60
C ALA A 136 1.24 0.98 -32.41
N LYS A 137 1.85 0.46 -33.50
CA LYS A 137 1.24 -0.59 -34.29
C LYS A 137 1.12 -1.87 -33.46
N SER A 138 2.14 -2.21 -32.66
CA SER A 138 2.10 -3.40 -31.81
C SER A 138 0.98 -3.32 -30.76
N TYR A 139 0.61 -2.09 -30.36
CA TYR A 139 -0.48 -1.84 -29.42
C TYR A 139 -1.86 -1.77 -30.09
N GLY A 140 -1.90 -1.57 -31.41
CA GLY A 140 -3.11 -1.36 -32.19
C GLY A 140 -3.65 0.06 -32.00
N ILE A 141 -2.77 1.05 -31.75
CA ILE A 141 -3.21 2.42 -31.52
C ILE A 141 -2.53 3.43 -32.45
N PRO A 142 -3.10 4.65 -32.56
CA PRO A 142 -2.45 5.68 -33.38
C PRO A 142 -1.25 6.30 -32.65
N PHE A 143 -0.32 6.83 -33.42
CA PHE A 143 0.83 7.53 -32.89
C PHE A 143 0.77 8.93 -33.48
N ILE A 144 0.93 9.96 -32.64
CA ILE A 144 0.89 11.33 -33.12
C ILE A 144 2.14 12.06 -32.72
N GLU A 145 2.77 12.79 -33.66
CA GLU A 145 3.97 13.56 -33.35
C GLU A 145 3.50 14.99 -33.06
N THR A 146 3.80 15.50 -31.86
CA THR A 146 3.32 16.82 -31.47
C THR A 146 4.42 17.80 -31.09
N SER A 147 4.10 19.09 -31.09
CA SER A 147 4.95 20.08 -30.51
C SER A 147 4.04 20.97 -29.70
N ALA A 148 4.17 20.94 -28.37
CA ALA A 148 3.43 21.88 -27.53
C ALA A 148 3.97 23.32 -27.77
N LYS A 149 5.23 23.47 -28.21
CA LYS A 149 5.84 24.77 -28.51
C LYS A 149 5.17 25.46 -29.71
N THR A 150 5.03 24.74 -30.85
CA THR A 150 4.41 25.34 -32.03
C THR A 150 2.90 25.08 -32.16
N ARG A 151 2.34 24.19 -31.31
CA ARG A 151 0.95 23.71 -31.33
C ARG A 151 0.70 22.59 -32.40
N GLN A 152 1.76 22.16 -33.12
CA GLN A 152 1.63 21.10 -34.11
C GLN A 152 1.07 19.82 -33.50
N GLY A 153 0.03 19.28 -34.12
CA GLY A 153 -0.52 18.00 -33.71
C GLY A 153 -1.23 17.94 -32.37
N VAL A 154 -1.30 19.06 -31.62
CA VAL A 154 -1.90 19.06 -30.29
C VAL A 154 -3.40 18.69 -30.30
N GLU A 155 -4.20 19.39 -31.11
CA GLU A 155 -5.62 19.03 -31.26
C GLU A 155 -5.76 17.66 -31.86
N ASP A 156 -4.87 17.28 -32.81
CA ASP A 156 -4.85 15.94 -33.36
C ASP A 156 -4.72 14.86 -32.27
N ALA A 157 -3.80 15.05 -31.30
CA ALA A 157 -3.61 14.03 -30.25
C ALA A 157 -4.85 13.89 -29.34
N PHE A 158 -5.38 14.98 -28.84
CA PHE A 158 -6.52 14.92 -27.92
C PHE A 158 -7.78 14.48 -28.63
N TYR A 159 -8.01 14.98 -29.84
CA TYR A 159 -9.26 14.68 -30.58
C TYR A 159 -9.25 13.27 -31.12
N THR A 160 -8.07 12.73 -31.50
CA THR A 160 -7.98 11.33 -31.92
C THR A 160 -8.34 10.43 -30.74
N LEU A 161 -7.86 10.79 -29.53
CA LEU A 161 -8.21 10.06 -28.32
C LEU A 161 -9.73 10.12 -28.06
N VAL A 162 -10.35 11.29 -28.20
CA VAL A 162 -11.80 11.40 -27.99
C VAL A 162 -12.57 10.51 -29.00
N ARG A 163 -12.15 10.53 -30.25
CA ARG A 163 -12.76 9.72 -31.32
C ARG A 163 -12.64 8.23 -30.98
N GLU A 164 -11.50 7.81 -30.41
CA GLU A 164 -11.33 6.42 -30.00
C GLU A 164 -12.27 6.02 -28.89
N ILE A 165 -12.50 6.90 -27.89
CA ILE A 165 -13.45 6.59 -26.82
C ILE A 165 -14.87 6.57 -27.37
N ARG A 166 -15.20 7.51 -28.25
CA ARG A 166 -16.52 7.58 -28.86
C ARG A 166 -16.86 6.28 -29.59
N GLN A 167 -15.88 5.73 -30.31
CA GLN A 167 -16.00 4.48 -31.05
C GLN A 167 -16.04 3.29 -30.09
N TYR A 168 -15.24 3.33 -29.03
CA TYR A 168 -15.18 2.31 -27.99
C TYR A 168 -16.57 2.14 -27.34
N ARG A 169 -17.24 3.26 -27.04
CA ARG A 169 -18.57 3.24 -26.43
C ARG A 169 -19.64 2.62 -27.33
N MET A 170 -19.41 2.58 -28.64
CA MET A 170 -20.32 1.97 -29.61
C MET A 170 -19.83 0.56 -29.96
N MET B 3 3.69 16.43 5.24
CA MET B 3 3.82 17.70 4.52
C MET B 3 2.71 18.67 4.94
N THR B 4 3.09 19.94 5.24
CA THR B 4 2.15 21.01 5.57
C THR B 4 1.36 21.33 4.28
N GLU B 5 0.02 21.34 4.35
CA GLU B 5 -0.80 21.46 3.15
C GLU B 5 -2.07 22.28 3.42
N TYR B 6 -2.49 23.11 2.45
CA TYR B 6 -3.63 24.01 2.58
C TYR B 6 -4.57 23.85 1.38
N LYS B 7 -5.88 23.74 1.64
CA LYS B 7 -6.87 23.64 0.57
C LYS B 7 -7.49 25.03 0.40
N LEU B 8 -7.11 25.74 -0.65
CA LEU B 8 -7.58 27.08 -0.92
C LEU B 8 -8.62 27.04 -2.00
N VAL B 9 -9.62 27.90 -1.92
CA VAL B 9 -10.67 27.98 -2.94
C VAL B 9 -10.81 29.43 -3.43
N VAL B 10 -10.79 29.63 -4.74
CA VAL B 10 -10.91 30.96 -5.33
C VAL B 10 -12.35 31.16 -5.82
N VAL B 11 -13.07 32.16 -5.26
CA VAL B 11 -14.48 32.39 -5.55
C VAL B 11 -14.76 33.82 -5.96
N GLY B 12 -15.89 34.03 -6.61
CA GLY B 12 -16.29 35.33 -7.12
C GLY B 12 -17.05 35.24 -8.43
N ALA B 13 -17.62 36.38 -8.86
CA ALA B 13 -18.44 36.52 -10.05
C ALA B 13 -17.65 36.15 -11.33
N GLY B 14 -18.37 35.88 -12.40
CA GLY B 14 -17.76 35.54 -13.68
C GLY B 14 -16.93 36.70 -14.19
N GLY B 15 -15.72 36.40 -14.65
CA GLY B 15 -14.81 37.36 -15.28
C GLY B 15 -14.02 38.29 -14.39
N VAL B 16 -14.05 38.08 -13.06
CA VAL B 16 -13.32 38.97 -12.15
C VAL B 16 -11.80 38.75 -12.17
N GLY B 17 -11.35 37.57 -12.62
CA GLY B 17 -9.94 37.24 -12.72
C GLY B 17 -9.49 36.08 -11.83
N LYS B 18 -10.43 35.20 -11.40
CA LYS B 18 -10.05 34.08 -10.52
C LYS B 18 -9.02 33.15 -11.20
N SER B 19 -9.29 32.73 -12.46
CA SER B 19 -8.32 31.86 -13.16
C SER B 19 -7.02 32.59 -13.44
N ALA B 20 -7.12 33.84 -13.89
CA ALA B 20 -5.93 34.64 -14.19
C ALA B 20 -5.06 34.81 -12.95
N LEU B 21 -5.66 35.00 -11.76
CA LEU B 21 -4.89 35.14 -10.53
C LEU B 21 -4.16 33.84 -10.19
N THR B 22 -4.86 32.72 -10.33
CA THR B 22 -4.32 31.39 -10.03
C THR B 22 -3.19 31.03 -10.98
N ILE B 23 -3.41 31.20 -12.30
CA ILE B 23 -2.41 30.90 -13.33
C ILE B 23 -1.21 31.83 -13.18
N GLN B 24 -1.44 33.10 -12.78
CA GLN B 24 -0.32 34.01 -12.56
C GLN B 24 0.53 33.52 -11.39
N LEU B 25 -0.12 33.15 -10.27
CA LEU B 25 0.59 32.71 -9.08
C LEU B 25 1.50 31.52 -9.36
N ILE B 26 0.95 30.53 -10.04
CA ILE B 26 1.49 29.21 -10.25
C ILE B 26 2.34 29.06 -11.52
N GLN B 27 1.99 29.73 -12.62
CA GLN B 27 2.72 29.63 -13.87
C GLN B 27 3.47 30.89 -14.28
N ASN B 28 3.31 31.99 -13.53
CA ASN B 28 3.98 33.27 -13.80
C ASN B 28 3.64 33.81 -15.19
N HIS B 29 2.40 33.66 -15.60
CA HIS B 29 1.94 34.09 -16.92
C HIS B 29 0.57 34.74 -16.79
N PHE B 30 0.29 35.77 -17.63
CA PHE B 30 -1.01 36.44 -17.64
C PHE B 30 -1.87 35.89 -18.79
N VAL B 31 -3.03 35.30 -18.46
CA VAL B 31 -3.93 34.78 -19.49
C VAL B 31 -4.76 35.96 -20.01
N ASP B 32 -4.56 36.35 -21.28
CA ASP B 32 -5.28 37.50 -21.82
C ASP B 32 -6.70 37.16 -22.29
N GLU B 33 -6.91 35.91 -22.68
CA GLU B 33 -8.21 35.47 -23.16
C GLU B 33 -9.14 35.08 -22.01
N TYR B 34 -10.45 35.12 -22.26
CA TYR B 34 -11.42 34.71 -21.26
C TYR B 34 -11.95 33.33 -21.62
N ASP B 35 -11.55 32.31 -20.85
CA ASP B 35 -12.01 30.94 -20.99
C ASP B 35 -12.87 30.63 -19.75
N PRO B 36 -14.22 30.79 -19.81
CA PRO B 36 -15.04 30.55 -18.60
C PRO B 36 -14.83 29.19 -17.97
N THR B 37 -14.66 29.19 -16.65
CA THR B 37 -14.37 27.97 -15.92
C THR B 37 -15.62 27.24 -15.48
N ILE B 38 -15.51 25.92 -15.37
CA ILE B 38 -16.54 25.08 -14.74
C ILE B 38 -15.94 24.74 -13.36
N GLU B 39 -14.78 24.05 -13.33
CA GLU B 39 -14.07 23.76 -12.08
C GLU B 39 -12.73 23.14 -12.43
N ASP B 40 -11.65 23.87 -12.16
CA ASP B 40 -10.29 23.37 -12.42
C ASP B 40 -9.55 23.26 -11.09
N SER B 41 -8.56 22.35 -10.99
CA SER B 41 -7.80 22.23 -9.74
C SER B 41 -6.31 22.20 -10.01
N TYR B 42 -5.54 22.87 -9.15
CA TYR B 42 -4.10 22.99 -9.25
C TYR B 42 -3.45 22.60 -7.97
N ARG B 43 -2.18 22.15 -8.05
CA ARG B 43 -1.45 21.84 -6.83
C ARG B 43 -0.04 22.35 -7.02
N LYS B 44 0.53 23.02 -6.02
CA LYS B 44 1.90 23.52 -6.15
C LYS B 44 2.55 23.65 -4.79
N GLN B 45 3.75 23.11 -4.66
CA GLN B 45 4.55 23.19 -3.45
C GLN B 45 5.27 24.53 -3.48
N VAL B 46 5.13 25.33 -2.42
CA VAL B 46 5.75 26.66 -2.35
C VAL B 46 6.43 26.84 -0.96
N VAL B 47 7.26 27.87 -0.80
CA VAL B 47 7.87 28.14 0.49
C VAL B 47 7.31 29.47 0.99
N ILE B 48 6.61 29.43 2.11
CA ILE B 48 6.01 30.64 2.67
C ILE B 48 6.58 30.83 4.04
N ASP B 49 7.21 32.00 4.30
CA ASP B 49 7.85 32.26 5.60
C ASP B 49 8.82 31.14 6.04
N GLY B 50 9.60 30.62 5.10
CA GLY B 50 10.57 29.57 5.36
C GLY B 50 10.00 28.16 5.44
N GLU B 51 8.68 28.03 5.35
CA GLU B 51 8.03 26.74 5.48
C GLU B 51 7.53 26.18 4.17
N THR B 52 7.93 24.94 3.87
CA THR B 52 7.50 24.27 2.67
C THR B 52 6.05 23.83 2.86
N SER B 53 5.18 24.30 1.96
CA SER B 53 3.75 24.03 2.05
C SER B 53 3.21 23.61 0.68
N LEU B 54 2.26 22.69 0.67
CA LEU B 54 1.61 22.27 -0.55
C LEU B 54 0.27 23.01 -0.68
N LEU B 55 0.10 23.80 -1.75
CA LEU B 55 -1.18 24.49 -1.96
C LEU B 55 -2.05 23.69 -2.95
N ASP B 56 -3.25 23.32 -2.52
CA ASP B 56 -4.24 22.68 -3.39
C ASP B 56 -5.23 23.81 -3.65
N ILE B 57 -5.32 24.30 -4.91
CA ILE B 57 -6.17 25.43 -5.25
C ILE B 57 -7.31 25.02 -6.19
N LEU B 58 -8.51 25.32 -5.77
CA LEU B 58 -9.69 25.03 -6.58
C LEU B 58 -10.09 26.33 -7.23
N ASP B 59 -10.11 26.33 -8.55
CA ASP B 59 -10.51 27.49 -9.36
C ASP B 59 -11.98 27.26 -9.79
N THR B 60 -12.92 27.99 -9.18
CA THR B 60 -14.35 27.72 -9.32
C THR B 60 -15.06 28.54 -10.42
N ALA B 61 -16.34 28.21 -10.70
CA ALA B 61 -17.12 28.90 -11.72
C ALA B 61 -17.76 30.13 -11.16
N GLY B 62 -17.63 31.24 -11.85
CA GLY B 62 -18.38 32.45 -11.48
C GLY B 62 -19.80 32.42 -12.05
N ARG B 63 -20.00 31.66 -13.14
CA ARG B 63 -21.32 31.53 -13.80
C ARG B 63 -22.35 30.86 -12.87
N GLU B 64 -23.53 31.46 -12.74
CA GLU B 64 -24.58 30.95 -11.85
C GLU B 64 -25.10 29.55 -12.18
N GLU B 65 -24.98 29.13 -13.44
CA GLU B 65 -25.49 27.82 -13.82
C GLU B 65 -24.73 26.66 -13.17
N TYR B 66 -23.58 26.91 -12.51
CA TYR B 66 -22.85 25.85 -11.82
C TYR B 66 -22.86 26.03 -10.29
N SER B 67 -23.77 26.88 -9.75
CA SER B 67 -23.76 27.18 -8.32
C SER B 67 -24.12 26.01 -7.41
N ALA B 68 -24.78 24.97 -7.93
CA ALA B 68 -25.08 23.80 -7.08
C ALA B 68 -23.80 23.08 -6.60
N MET B 69 -22.64 23.31 -7.25
CA MET B 69 -21.37 22.71 -6.87
C MET B 69 -20.66 23.47 -5.73
N ARG B 70 -21.20 24.61 -5.27
CA ARG B 70 -20.57 25.43 -4.23
C ARG B 70 -20.57 24.76 -2.88
N ASP B 71 -21.70 24.12 -2.52
CA ASP B 71 -21.80 23.49 -1.20
C ASP B 71 -20.65 22.53 -0.90
N GLN B 72 -20.31 21.68 -1.88
CA GLN B 72 -19.23 20.74 -1.69
C GLN B 72 -17.88 21.39 -1.52
N TYR B 73 -17.53 22.39 -2.38
CA TYR B 73 -16.19 22.99 -2.21
C TYR B 73 -16.13 23.86 -0.95
N MET B 74 -17.26 24.41 -0.50
CA MET B 74 -17.26 25.20 0.72
C MET B 74 -17.07 24.32 1.95
N ARG B 75 -17.54 23.05 1.90
CA ARG B 75 -17.30 22.14 3.01
C ARG B 75 -15.84 21.74 3.04
N THR B 76 -15.26 21.43 1.87
CA THR B 76 -13.89 20.94 1.81
C THR B 76 -12.81 22.01 2.03
N GLY B 77 -13.03 23.19 1.45
CA GLY B 77 -12.07 24.28 1.50
C GLY B 77 -11.69 24.77 2.89
N GLU B 78 -10.40 25.05 3.09
CA GLU B 78 -9.90 25.55 4.36
C GLU B 78 -9.81 27.07 4.41
N GLY B 79 -9.61 27.70 3.27
CA GLY B 79 -9.50 29.14 3.16
C GLY B 79 -10.05 29.60 1.83
N PHE B 80 -10.63 30.82 1.77
CA PHE B 80 -11.27 31.28 0.56
C PHE B 80 -10.76 32.66 0.13
N LEU B 81 -10.51 32.84 -1.17
CA LEU B 81 -10.16 34.16 -1.71
C LEU B 81 -11.48 34.66 -2.27
N LEU B 82 -12.01 35.77 -1.74
CA LEU B 82 -13.26 36.34 -2.22
C LEU B 82 -12.84 37.39 -3.25
N VAL B 83 -12.94 37.05 -4.54
CA VAL B 83 -12.48 37.95 -5.59
C VAL B 83 -13.58 38.77 -6.24
N PHE B 84 -13.34 40.07 -6.41
CA PHE B 84 -14.20 40.94 -7.22
C PHE B 84 -13.25 41.75 -8.12
N ALA B 85 -13.78 42.43 -9.15
CA ALA B 85 -12.95 43.26 -10.01
C ALA B 85 -13.28 44.73 -9.68
N ILE B 86 -12.26 45.57 -9.56
CA ILE B 86 -12.47 46.98 -9.16
C ILE B 86 -13.19 47.82 -10.20
N ASN B 87 -13.30 47.35 -11.46
CA ASN B 87 -14.08 48.09 -12.46
C ASN B 87 -15.48 47.46 -12.63
N ASN B 88 -15.93 46.60 -11.69
CA ASN B 88 -17.22 45.95 -11.81
C ASN B 88 -17.93 45.96 -10.45
N SER B 89 -18.79 46.97 -10.28
CA SER B 89 -19.57 47.20 -9.07
C SER B 89 -20.48 46.05 -8.68
N LYS B 90 -21.10 45.38 -9.65
CA LYS B 90 -21.95 44.22 -9.35
C LYS B 90 -21.12 43.07 -8.77
N SER B 91 -19.88 42.83 -9.26
CA SER B 91 -19.02 41.77 -8.70
C SER B 91 -18.70 42.05 -7.22
N PHE B 92 -18.57 43.35 -6.85
CA PHE B 92 -18.33 43.75 -5.46
C PHE B 92 -19.58 43.47 -4.60
N ALA B 93 -20.79 43.74 -5.12
CA ALA B 93 -22.03 43.42 -4.42
C ALA B 93 -22.19 41.89 -4.26
N ASP B 94 -21.75 41.11 -5.26
CA ASP B 94 -21.85 39.65 -5.19
C ASP B 94 -20.97 39.02 -4.09
N ILE B 95 -19.91 39.72 -3.63
CA ILE B 95 -18.99 39.24 -2.59
C ILE B 95 -19.73 38.75 -1.35
N ASN B 96 -20.67 39.56 -0.85
CA ASN B 96 -21.45 39.30 0.35
C ASN B 96 -22.11 37.93 0.30
N LEU B 97 -22.70 37.57 -0.84
CA LEU B 97 -23.37 36.29 -1.02
C LEU B 97 -22.45 35.10 -0.84
N TYR B 98 -21.21 35.18 -1.36
CA TYR B 98 -20.24 34.09 -1.20
C TYR B 98 -19.82 34.01 0.28
N ARG B 99 -19.57 35.15 0.91
CA ARG B 99 -19.16 35.15 2.31
C ARG B 99 -20.21 34.50 3.21
N GLU B 100 -21.49 34.83 2.98
CA GLU B 100 -22.58 34.31 3.80
C GLU B 100 -22.74 32.80 3.61
N GLN B 101 -22.66 32.35 2.35
CA GLN B 101 -22.79 30.91 2.08
C GLN B 101 -21.67 30.10 2.73
N ILE B 102 -20.41 30.58 2.64
CA ILE B 102 -19.29 29.88 3.27
C ILE B 102 -19.51 29.80 4.80
N LYS B 103 -19.91 30.92 5.41
CA LYS B 103 -20.18 31.01 6.84
C LYS B 103 -21.22 29.99 7.30
N ARG B 104 -22.29 29.81 6.52
CA ARG B 104 -23.37 28.89 6.89
C ARG B 104 -22.94 27.44 6.72
N VAL B 105 -22.33 27.11 5.56
CA VAL B 105 -21.86 25.76 5.27
C VAL B 105 -20.86 25.29 6.33
N LYS B 106 -19.90 26.15 6.69
CA LYS B 106 -18.85 25.78 7.63
C LYS B 106 -19.22 25.98 9.10
N ASP B 107 -20.45 26.46 9.41
CA ASP B 107 -20.94 26.69 10.78
C ASP B 107 -19.94 27.51 11.61
N SER B 108 -19.24 28.45 10.98
CA SER B 108 -18.20 29.21 11.66
C SER B 108 -18.22 30.68 11.28
N ASP B 109 -17.94 31.53 12.26
CA ASP B 109 -17.89 32.98 12.11
C ASP B 109 -16.49 33.52 11.78
N ASP B 110 -15.44 32.67 11.85
CA ASP B 110 -14.09 33.11 11.57
C ASP B 110 -13.37 32.22 10.54
N VAL B 111 -14.09 31.77 9.50
CA VAL B 111 -13.46 30.97 8.43
C VAL B 111 -12.35 31.77 7.77
N PRO B 112 -11.13 31.23 7.66
CA PRO B 112 -10.07 31.97 6.98
C PRO B 112 -10.46 32.45 5.57
N MET B 113 -10.46 33.77 5.40
CA MET B 113 -10.82 34.37 4.11
C MET B 113 -9.99 35.61 3.88
N VAL B 114 -9.86 36.01 2.61
CA VAL B 114 -9.23 37.28 2.25
C VAL B 114 -10.10 37.94 1.15
N LEU B 115 -10.29 39.26 1.20
CA LEU B 115 -11.05 39.97 0.16
C LEU B 115 -10.05 40.46 -0.88
N VAL B 116 -10.26 40.17 -2.15
CA VAL B 116 -9.33 40.53 -3.21
C VAL B 116 -9.99 41.44 -4.22
N GLY B 117 -9.44 42.64 -4.39
CA GLY B 117 -9.90 43.60 -5.40
C GLY B 117 -8.97 43.51 -6.59
N ASN B 118 -9.40 42.76 -7.62
CA ASN B 118 -8.55 42.50 -8.79
C ASN B 118 -8.71 43.51 -9.94
N LYS B 119 -7.76 43.48 -10.89
CA LYS B 119 -7.66 44.37 -12.07
C LYS B 119 -7.21 45.77 -11.64
N SER B 120 -6.34 45.87 -10.62
N SER B 120 -6.32 45.85 -10.64
CA SER B 120 -5.86 47.17 -10.14
CA SER B 120 -5.82 47.12 -10.12
C SER B 120 -5.09 47.97 -11.19
C SER B 120 -4.96 47.92 -11.13
N ASP B 121 -4.67 47.32 -12.29
CA ASP B 121 -3.94 47.97 -13.37
C ASP B 121 -4.85 48.91 -14.20
N LEU B 122 -6.19 48.73 -14.14
CA LEU B 122 -7.12 49.56 -14.93
C LEU B 122 -7.43 50.93 -14.30
N PRO B 123 -7.42 52.02 -15.11
CA PRO B 123 -7.75 53.34 -14.56
C PRO B 123 -9.24 53.60 -14.33
N THR B 124 -10.10 52.77 -14.93
CA THR B 124 -11.56 52.86 -14.86
C THR B 124 -12.18 52.16 -13.61
N ARG B 125 -11.64 52.42 -12.40
CA ARG B 125 -12.20 51.77 -11.23
C ARG B 125 -13.55 52.36 -10.84
N THR B 126 -14.47 51.51 -10.44
CA THR B 126 -15.80 51.90 -9.98
C THR B 126 -16.00 51.57 -8.47
N VAL B 127 -15.13 50.74 -7.89
CA VAL B 127 -15.16 50.40 -6.48
C VAL B 127 -13.87 50.97 -5.94
N ASP B 128 -13.94 51.95 -5.03
CA ASP B 128 -12.74 52.54 -4.49
C ASP B 128 -12.16 51.72 -3.33
N THR B 129 -10.88 51.92 -3.06
CA THR B 129 -10.12 51.20 -2.04
C THR B 129 -10.80 51.29 -0.68
N LYS B 130 -11.30 52.49 -0.30
CA LYS B 130 -11.96 52.66 0.99
C LYS B 130 -13.24 51.87 1.15
N GLN B 131 -14.09 51.77 0.09
CA GLN B 131 -15.33 51.02 0.26
C GLN B 131 -15.05 49.52 0.37
N ALA B 132 -14.03 49.00 -0.37
CA ALA B 132 -13.67 47.59 -0.29
C ALA B 132 -13.04 47.26 1.06
N HIS B 133 -12.15 48.14 1.55
CA HIS B 133 -11.51 48.00 2.86
C HIS B 133 -12.59 48.03 3.94
N GLU B 134 -13.59 48.91 3.80
CA GLU B 134 -14.69 48.96 4.76
C GLU B 134 -15.41 47.62 4.90
N LEU B 135 -15.72 46.97 3.74
CA LEU B 135 -16.37 45.67 3.76
C LEU B 135 -15.50 44.62 4.47
N ALA B 136 -14.21 44.55 4.09
CA ALA B 136 -13.27 43.62 4.69
C ALA B 136 -13.14 43.87 6.19
N LYS B 137 -13.09 45.13 6.64
CA LYS B 137 -13.02 45.45 8.06
C LYS B 137 -14.28 44.92 8.78
N SER B 138 -15.47 45.06 8.15
CA SER B 138 -16.72 44.57 8.75
C SER B 138 -16.70 43.03 8.89
N TYR B 139 -15.95 42.34 8.01
CA TYR B 139 -15.77 40.89 8.03
C TYR B 139 -14.65 40.41 8.99
N GLY B 140 -13.78 41.33 9.39
CA GLY B 140 -12.62 41.03 10.22
C GLY B 140 -11.53 40.33 9.42
N ILE B 141 -11.44 40.60 8.10
CA ILE B 141 -10.46 39.95 7.24
C ILE B 141 -9.60 40.94 6.47
N PRO B 142 -8.43 40.50 5.98
CA PRO B 142 -7.61 41.41 5.18
C PRO B 142 -8.22 41.65 3.79
N PHE B 143 -7.89 42.81 3.22
CA PHE B 143 -8.28 43.17 1.87
C PHE B 143 -6.95 43.35 1.09
N ILE B 144 -6.83 42.78 -0.12
CA ILE B 144 -5.60 42.93 -0.92
C ILE B 144 -6.00 43.39 -2.33
N GLU B 145 -5.36 44.46 -2.87
CA GLU B 145 -5.63 44.88 -4.25
C GLU B 145 -4.58 44.24 -5.12
N THR B 146 -5.04 43.52 -6.15
CA THR B 146 -4.14 42.78 -7.01
C THR B 146 -4.30 43.10 -8.50
N SER B 147 -3.32 42.68 -9.29
CA SER B 147 -3.45 42.69 -10.72
C SER B 147 -2.86 41.38 -11.20
N ALA B 148 -3.67 40.51 -11.81
CA ALA B 148 -3.16 39.28 -12.40
C ALA B 148 -2.29 39.60 -13.64
N LYS B 149 -2.46 40.79 -14.23
CA LYS B 149 -1.69 41.21 -15.39
C LYS B 149 -0.26 41.59 -15.02
N THR B 150 -0.08 42.42 -13.97
CA THR B 150 1.26 42.83 -13.55
C THR B 150 1.87 41.99 -12.45
N ARG B 151 1.08 41.05 -11.84
CA ARG B 151 1.46 40.22 -10.70
C ARG B 151 1.47 41.02 -9.37
N GLN B 152 1.05 42.31 -9.39
CA GLN B 152 0.95 43.13 -8.18
C GLN B 152 0.03 42.45 -7.16
N GLY B 153 0.49 42.30 -5.93
CA GLY B 153 -0.34 41.77 -4.85
C GLY B 153 -0.75 40.31 -4.95
N VAL B 154 -0.40 39.60 -6.05
CA VAL B 154 -0.83 38.19 -6.23
C VAL B 154 -0.33 37.28 -5.12
N GLU B 155 0.97 37.35 -4.84
CA GLU B 155 1.56 36.57 -3.75
C GLU B 155 1.02 37.04 -2.44
N ASP B 156 0.87 38.37 -2.25
CA ASP B 156 0.29 38.90 -1.02
C ASP B 156 -1.09 38.32 -0.73
N ALA B 157 -1.95 38.17 -1.77
CA ALA B 157 -3.29 37.64 -1.60
C ALA B 157 -3.31 36.15 -1.19
N PHE B 158 -2.61 35.27 -1.94
CA PHE B 158 -2.61 33.84 -1.62
C PHE B 158 -1.87 33.56 -0.31
N TYR B 159 -0.70 34.18 -0.12
CA TYR B 159 0.13 33.92 1.07
C TYR B 159 -0.48 34.50 2.34
N THR B 160 -1.20 35.64 2.25
CA THR B 160 -1.90 36.17 3.44
C THR B 160 -2.99 35.17 3.84
N LEU B 161 -3.68 34.55 2.85
CA LEU B 161 -4.70 33.55 3.17
C LEU B 161 -4.06 32.34 3.82
N VAL B 162 -2.89 31.89 3.32
CA VAL B 162 -2.20 30.76 3.94
C VAL B 162 -1.82 31.08 5.41
N ARG B 163 -1.34 32.31 5.67
CA ARG B 163 -0.96 32.73 7.02
C ARG B 163 -2.20 32.77 7.93
N GLU B 164 -3.36 33.18 7.38
CA GLU B 164 -4.62 33.19 8.14
C GLU B 164 -5.00 31.77 8.55
N ILE B 165 -4.89 30.77 7.63
CA ILE B 165 -5.19 29.36 7.95
C ILE B 165 -4.20 28.82 8.97
N ARG B 166 -2.92 29.12 8.75
CA ARG B 166 -1.83 28.68 9.64
C ARG B 166 -2.08 29.18 11.07
N GLN B 167 -2.50 30.43 11.23
CA GLN B 167 -2.77 30.96 12.56
C GLN B 167 -4.08 30.44 13.15
N TYR B 168 -5.08 30.21 12.30
CA TYR B 168 -6.37 29.66 12.68
C TYR B 168 -6.20 28.24 13.25
N ARG B 169 -5.27 27.44 12.67
CA ARG B 169 -4.98 26.08 13.14
C ARG B 169 -4.34 26.04 14.54
N MET B 170 -3.66 27.11 14.94
CA MET B 170 -3.02 27.17 16.24
C MET B 170 -3.98 27.88 17.22
N MET C 3 4.33 3.77 15.32
CA MET C 3 4.68 2.87 16.42
C MET C 3 5.78 3.47 17.29
N THR C 4 5.71 3.18 18.60
CA THR C 4 6.76 3.61 19.53
C THR C 4 8.06 2.87 19.18
N GLU C 5 9.19 3.57 19.25
CA GLU C 5 10.46 2.99 18.80
C GLU C 5 11.61 3.38 19.70
N TYR C 6 12.55 2.46 19.94
CA TYR C 6 13.68 2.74 20.85
C TYR C 6 14.97 2.33 20.18
N LYS C 7 15.97 3.22 20.13
CA LYS C 7 17.25 2.91 19.53
C LYS C 7 18.26 2.61 20.63
N LEU C 8 18.58 1.33 20.77
CA LEU C 8 19.47 0.86 21.83
C LEU C 8 20.80 0.53 21.21
N VAL C 9 21.88 0.80 21.94
CA VAL C 9 23.21 0.48 21.46
C VAL C 9 23.93 -0.36 22.53
N VAL C 10 24.55 -1.48 22.14
CA VAL C 10 25.25 -2.36 23.06
C VAL C 10 26.75 -2.07 22.90
N VAL C 11 27.41 -1.57 23.97
CA VAL C 11 28.82 -1.20 23.94
C VAL C 11 29.64 -1.91 25.04
N GLY C 12 30.94 -1.98 24.83
CA GLY C 12 31.85 -2.61 25.78
C GLY C 12 33.04 -3.22 25.08
N ALA C 13 34.07 -3.64 25.86
CA ALA C 13 35.30 -4.22 25.32
C ALA C 13 35.08 -5.50 24.48
N GLY C 14 36.07 -5.87 23.65
CA GLY C 14 35.94 -7.07 22.84
C GLY C 14 35.82 -8.32 23.70
N GLY C 15 34.94 -9.22 23.30
CA GLY C 15 34.72 -10.50 23.95
C GLY C 15 33.88 -10.53 25.21
N VAL C 16 33.30 -9.40 25.65
CA VAL C 16 32.47 -9.39 26.88
C VAL C 16 31.12 -10.12 26.73
N GLY C 17 30.67 -10.31 25.49
CA GLY C 17 29.41 -10.97 25.20
C GLY C 17 28.29 -10.07 24.70
N LYS C 18 28.62 -8.94 24.05
CA LYS C 18 27.58 -8.04 23.51
C LYS C 18 26.74 -8.74 22.47
N SER C 19 27.38 -9.47 21.55
CA SER C 19 26.67 -10.19 20.50
C SER C 19 25.89 -11.36 21.10
N ALA C 20 26.51 -12.10 22.04
CA ALA C 20 25.83 -13.23 22.65
C ALA C 20 24.56 -12.79 23.41
N LEU C 21 24.62 -11.64 24.08
CA LEU C 21 23.43 -11.11 24.78
C LEU C 21 22.35 -10.74 23.76
N THR C 22 22.74 -10.01 22.71
CA THR C 22 21.80 -9.54 21.67
C THR C 22 21.16 -10.74 20.95
N ILE C 23 21.96 -11.73 20.58
CA ILE C 23 21.48 -12.92 19.89
C ILE C 23 20.57 -13.73 20.80
N GLN C 24 20.83 -13.79 22.11
CA GLN C 24 19.88 -14.47 23.04
C GLN C 24 18.54 -13.77 23.04
N LEU C 25 18.56 -12.43 23.09
CA LEU C 25 17.34 -11.66 23.11
C LEU C 25 16.55 -11.87 21.81
N ILE C 26 17.20 -11.74 20.63
CA ILE C 26 16.59 -11.81 19.30
C ILE C 26 16.26 -13.23 18.81
N GLN C 27 17.17 -14.17 19.03
CA GLN C 27 17.04 -15.51 18.50
C GLN C 27 16.87 -16.61 19.51
N ASN C 28 16.95 -16.33 20.81
CA ASN C 28 16.79 -17.36 21.85
C ASN C 28 17.78 -18.49 21.71
N HIS C 29 19.01 -18.15 21.35
CA HIS C 29 20.07 -19.12 21.15
C HIS C 29 21.38 -18.52 21.71
N PHE C 30 22.27 -19.39 22.23
CA PHE C 30 23.58 -18.99 22.71
C PHE C 30 24.64 -19.30 21.67
N VAL C 31 25.41 -18.30 21.27
CA VAL C 31 26.50 -18.51 20.33
C VAL C 31 27.76 -18.80 21.12
N ASP C 32 28.28 -20.04 21.03
CA ASP C 32 29.48 -20.46 21.76
C ASP C 32 30.77 -19.90 21.14
N GLU C 33 30.76 -19.75 19.83
CA GLU C 33 31.89 -19.27 19.05
C GLU C 33 32.12 -17.76 19.22
N TYR C 34 33.35 -17.32 19.02
CA TYR C 34 33.68 -15.91 19.11
C TYR C 34 33.92 -15.37 17.69
N ASP C 35 32.93 -14.67 17.16
CA ASP C 35 33.01 -14.03 15.85
C ASP C 35 33.03 -12.51 16.08
N PRO C 36 34.22 -11.91 16.14
CA PRO C 36 34.30 -10.47 16.49
C PRO C 36 33.49 -9.57 15.57
N THR C 37 32.75 -8.63 16.16
CA THR C 37 31.86 -7.77 15.41
C THR C 37 32.54 -6.54 14.84
N ILE C 38 32.06 -6.09 13.68
CA ILE C 38 32.42 -4.82 13.07
C ILE C 38 31.22 -3.91 13.42
N GLU C 39 30.00 -4.23 12.92
CA GLU C 39 28.81 -3.49 13.33
C GLU C 39 27.59 -4.19 12.74
N ASP C 40 26.72 -4.72 13.61
CA ASP C 40 25.50 -5.38 13.15
C ASP C 40 24.30 -4.63 13.67
N SER C 41 23.18 -4.67 12.94
CA SER C 41 21.96 -3.98 13.39
C SER C 41 20.76 -4.90 13.31
N TYR C 42 19.91 -4.84 14.33
CA TYR C 42 18.73 -5.69 14.43
C TYR C 42 17.51 -4.87 14.72
N ARG C 43 16.33 -5.35 14.31
CA ARG C 43 15.08 -4.67 14.61
C ARG C 43 14.09 -5.72 15.06
N LYS C 44 13.44 -5.50 16.20
CA LYS C 44 12.50 -6.49 16.71
C LYS C 44 11.38 -5.83 17.45
N GLN C 45 10.15 -6.19 17.11
CA GLN C 45 8.98 -5.68 17.81
C GLN C 45 8.80 -6.45 19.12
N VAL C 46 8.60 -5.73 20.23
CA VAL C 46 8.46 -6.33 21.56
C VAL C 46 7.26 -5.70 22.28
N VAL C 47 6.77 -6.37 23.34
CA VAL C 47 5.74 -5.82 24.20
C VAL C 47 6.33 -5.81 25.60
N ILE C 48 6.51 -4.61 26.17
CA ILE C 48 7.09 -4.43 27.50
C ILE C 48 6.09 -3.64 28.33
N ASP C 49 5.58 -4.26 29.39
CA ASP C 49 4.54 -3.67 30.25
C ASP C 49 3.31 -3.23 29.45
N GLY C 50 2.93 -4.03 28.44
CA GLY C 50 1.75 -3.73 27.64
C GLY C 50 1.99 -2.77 26.49
N GLU C 51 3.21 -2.22 26.38
CA GLU C 51 3.53 -1.29 25.30
C GLU C 51 4.19 -2.03 24.14
N THR C 52 3.58 -1.99 22.95
CA THR C 52 4.20 -2.57 21.77
C THR C 52 5.18 -1.53 21.25
N SER C 53 6.40 -1.95 20.98
CA SER C 53 7.42 -1.05 20.45
C SER C 53 8.40 -1.76 19.56
N LEU C 54 9.11 -0.99 18.75
CA LEU C 54 10.12 -1.53 17.87
C LEU C 54 11.48 -1.22 18.49
N LEU C 55 12.29 -2.26 18.75
CA LEU C 55 13.64 -2.02 19.25
C LEU C 55 14.59 -2.08 18.07
N ASP C 56 15.38 -1.03 17.87
CA ASP C 56 16.41 -1.03 16.85
C ASP C 56 17.67 -1.18 17.69
N ILE C 57 18.38 -2.31 17.57
CA ILE C 57 19.52 -2.59 18.41
C ILE C 57 20.76 -2.61 17.60
N LEU C 58 21.75 -1.78 17.98
CA LEU C 58 23.03 -1.75 17.29
C LEU C 58 24.03 -2.51 18.13
N ASP C 59 24.60 -3.57 17.55
CA ASP C 59 25.60 -4.40 18.21
C ASP C 59 26.99 -3.94 17.69
N THR C 60 27.77 -3.30 18.56
CA THR C 60 28.96 -2.60 18.16
C THR C 60 30.26 -3.38 18.36
N ALA C 61 31.36 -2.83 17.80
CA ALA C 61 32.67 -3.45 17.89
C ALA C 61 33.37 -3.08 19.18
N GLY C 62 33.80 -4.09 19.92
CA GLY C 62 34.63 -3.87 21.08
C GLY C 62 36.08 -3.69 20.65
N ARG C 63 36.50 -4.26 19.48
CA ARG C 63 37.89 -4.09 19.04
C ARG C 63 38.26 -2.61 18.81
N GLU C 64 39.36 -2.14 19.43
CA GLU C 64 39.77 -0.74 19.39
C GLU C 64 39.97 -0.14 18.00
N GLU C 65 40.36 -0.94 17.02
CA GLU C 65 40.57 -0.43 15.66
C GLU C 65 39.29 0.10 14.98
N TYR C 66 38.08 -0.18 15.53
CA TYR C 66 36.83 0.37 14.97
C TYR C 66 36.31 1.57 15.78
N SER C 67 37.14 2.19 16.65
CA SER C 67 36.71 3.29 17.50
C SER C 67 36.26 4.57 16.76
N ALA C 68 36.67 4.77 15.50
CA ALA C 68 36.22 5.96 14.76
C ALA C 68 34.72 5.90 14.39
N MET C 69 34.08 4.73 14.53
CA MET C 69 32.64 4.61 14.24
C MET C 69 31.76 4.98 15.46
N ARG C 70 32.38 5.20 16.64
CA ARG C 70 31.65 5.49 17.88
C ARG C 70 30.86 6.79 17.88
N ASP C 71 31.45 7.91 17.43
CA ASP C 71 30.74 9.20 17.46
C ASP C 71 29.35 9.16 16.81
N GLN C 72 29.24 8.58 15.61
CA GLN C 72 27.95 8.49 14.94
C GLN C 72 26.92 7.66 15.72
N TYR C 73 27.27 6.44 16.19
CA TYR C 73 26.29 5.63 16.92
C TYR C 73 25.94 6.25 18.30
N MET C 74 26.86 7.04 18.89
CA MET C 74 26.55 7.69 20.16
C MET C 74 25.57 8.84 19.98
N ARG C 75 25.69 9.59 18.87
CA ARG C 75 24.75 10.67 18.57
C ARG C 75 23.36 10.13 18.31
N THR C 76 23.27 9.04 17.54
CA THR C 76 22.01 8.42 17.17
C THR C 76 21.33 7.66 18.32
N GLY C 77 22.09 6.88 19.06
CA GLY C 77 21.59 6.06 20.14
C GLY C 77 20.80 6.79 21.22
N GLU C 78 19.67 6.22 21.64
CA GLU C 78 18.82 6.76 22.69
C GLU C 78 19.08 6.16 24.08
N GLY C 79 19.65 4.96 24.10
CA GLY C 79 19.95 4.24 25.33
C GLY C 79 21.15 3.34 25.11
N PHE C 80 21.98 3.13 26.16
CA PHE C 80 23.20 2.33 25.99
C PHE C 80 23.34 1.22 27.04
N LEU C 81 23.66 -0.01 26.60
CA LEU C 81 23.95 -1.06 27.56
C LEU C 81 25.46 -1.03 27.66
N LEU C 82 26.00 -0.75 28.85
CA LEU C 82 27.45 -0.71 29.09
C LEU C 82 27.81 -2.12 29.58
N VAL C 83 28.35 -2.94 28.71
CA VAL C 83 28.63 -4.34 29.04
C VAL C 83 30.09 -4.59 29.38
N PHE C 84 30.35 -5.30 30.49
CA PHE C 84 31.68 -5.80 30.83
C PHE C 84 31.46 -7.29 31.17
N ALA C 85 32.56 -8.06 31.31
CA ALA C 85 32.44 -9.46 31.69
C ALA C 85 32.98 -9.58 33.11
N ILE C 86 32.26 -10.26 34.01
CA ILE C 86 32.66 -10.35 35.43
C ILE C 86 33.98 -11.09 35.67
N ASN C 87 34.54 -11.78 34.65
CA ASN C 87 35.88 -12.39 34.79
C ASN C 87 36.96 -11.60 34.04
N ASN C 88 36.71 -10.32 33.76
CA ASN C 88 37.63 -9.52 32.97
C ASN C 88 37.64 -8.12 33.59
N SER C 89 38.59 -7.88 34.51
CA SER C 89 38.68 -6.60 35.21
C SER C 89 38.97 -5.44 34.26
N LYS C 90 39.77 -5.68 33.20
CA LYS C 90 40.05 -4.64 32.22
C LYS C 90 38.75 -4.17 31.54
N SER C 91 37.86 -5.10 31.17
CA SER C 91 36.58 -4.71 30.55
C SER C 91 35.75 -3.86 31.51
N PHE C 92 35.86 -4.10 32.83
CA PHE C 92 35.11 -3.32 33.82
C PHE C 92 35.70 -1.90 33.86
N ALA C 93 37.05 -1.77 33.79
CA ALA C 93 37.70 -0.44 33.76
C ALA C 93 37.29 0.32 32.48
N ASP C 94 37.19 -0.38 31.35
CA ASP C 94 36.82 0.23 30.08
C ASP C 94 35.39 0.82 30.08
N ILE C 95 34.52 0.38 31.01
CA ILE C 95 33.15 0.94 31.11
C ILE C 95 33.17 2.48 31.27
N ASN C 96 34.04 3.01 32.16
N ASN C 96 34.07 2.97 32.13
CA ASN C 96 34.10 4.45 32.38
CA ASN C 96 34.25 4.38 32.45
C ASN C 96 34.47 5.22 31.14
C ASN C 96 34.54 5.20 31.21
N LEU C 97 35.36 4.68 30.30
CA LEU C 97 35.72 5.33 29.05
C LEU C 97 34.50 5.42 28.08
N TYR C 98 33.70 4.33 28.02
CA TYR C 98 32.50 4.36 27.17
C TYR C 98 31.50 5.38 27.71
N ARG C 99 31.26 5.36 29.02
CA ARG C 99 30.33 6.31 29.62
C ARG C 99 30.74 7.76 29.40
N GLU C 100 32.04 8.05 29.58
CA GLU C 100 32.52 9.41 29.39
C GLU C 100 32.42 9.88 27.95
N GLN C 101 32.69 8.99 26.98
CA GLN C 101 32.59 9.37 25.57
C GLN C 101 31.13 9.63 25.18
N ILE C 102 30.20 8.78 25.66
CA ILE C 102 28.75 8.97 25.39
C ILE C 102 28.31 10.34 25.94
N LYS C 103 28.74 10.68 27.16
CA LYS C 103 28.40 11.97 27.76
C LYS C 103 28.89 13.16 26.93
N ARG C 104 30.16 13.15 26.46
CA ARG C 104 30.65 14.30 25.71
C ARG C 104 30.06 14.38 24.32
N VAL C 105 29.88 13.24 23.64
CA VAL C 105 29.31 13.23 22.30
C VAL C 105 27.84 13.71 22.34
N LYS C 106 27.08 13.24 23.33
CA LYS C 106 25.68 13.64 23.45
C LYS C 106 25.47 14.97 24.22
N ASP C 107 26.54 15.53 24.82
CA ASP C 107 26.49 16.80 25.59
C ASP C 107 25.41 16.73 26.67
N SER C 108 25.38 15.64 27.43
CA SER C 108 24.36 15.45 28.45
C SER C 108 24.84 14.50 29.53
N ASP C 109 24.41 14.74 30.76
CA ASP C 109 24.75 13.91 31.90
C ASP C 109 23.57 13.01 32.35
N ASP C 110 22.55 12.81 31.50
CA ASP C 110 21.41 11.96 31.87
C ASP C 110 20.96 11.05 30.76
N VAL C 111 21.86 10.64 29.88
CA VAL C 111 21.53 9.74 28.79
C VAL C 111 21.16 8.37 29.37
N PRO C 112 20.01 7.76 29.00
CA PRO C 112 19.67 6.45 29.57
C PRO C 112 20.76 5.40 29.34
N MET C 113 21.13 4.72 30.40
CA MET C 113 22.15 3.68 30.35
C MET C 113 21.85 2.63 31.42
N VAL C 114 22.36 1.42 31.20
CA VAL C 114 22.29 0.34 32.18
C VAL C 114 23.68 -0.32 32.20
N LEU C 115 24.18 -0.65 33.40
CA LEU C 115 25.47 -1.34 33.54
C LEU C 115 25.18 -2.85 33.53
N VAL C 116 25.89 -3.62 32.69
CA VAL C 116 25.66 -5.06 32.55
C VAL C 116 26.92 -5.85 32.86
N GLY C 117 26.85 -6.73 33.87
CA GLY C 117 27.99 -7.58 34.21
C GLY C 117 27.70 -8.96 33.67
N ASN C 118 28.28 -9.30 32.51
CA ASN C 118 27.95 -10.55 31.83
C ASN C 118 28.86 -11.73 32.25
N LYS C 119 28.51 -12.95 31.78
CA LYS C 119 29.25 -14.20 32.04
C LYS C 119 29.13 -14.62 33.52
N SER C 120 27.96 -14.37 34.13
N SER C 120 27.94 -14.38 34.13
CA SER C 120 27.73 -14.72 35.54
CA SER C 120 27.68 -14.72 35.53
C SER C 120 27.85 -16.23 35.82
C SER C 120 27.67 -16.23 35.83
N ASP C 121 27.69 -17.08 34.80
CA ASP C 121 27.75 -18.54 34.95
C ASP C 121 29.17 -19.06 35.20
N LEU C 122 30.21 -18.27 34.89
CA LEU C 122 31.61 -18.73 35.02
C LEU C 122 32.17 -18.66 36.42
N PRO C 123 32.92 -19.70 36.85
CA PRO C 123 33.54 -19.66 38.17
C PRO C 123 34.92 -18.96 38.18
N THR C 124 35.12 -17.95 37.32
CA THR C 124 36.42 -17.25 37.27
C THR C 124 36.24 -15.76 37.61
N ARG C 125 35.33 -15.43 38.52
CA ARG C 125 34.99 -14.04 38.85
C ARG C 125 36.13 -13.18 39.41
N THR C 126 36.38 -12.02 38.78
CA THR C 126 37.37 -11.04 39.28
C THR C 126 36.76 -9.67 39.57
N VAL C 127 35.50 -9.42 39.15
CA VAL C 127 34.78 -8.20 39.44
C VAL C 127 33.63 -8.61 40.35
N ASP C 128 33.68 -8.19 41.61
CA ASP C 128 32.66 -8.51 42.61
C ASP C 128 31.38 -7.82 42.30
N THR C 129 30.25 -8.45 42.65
CA THR C 129 28.93 -7.84 42.44
C THR C 129 28.83 -6.49 43.14
N LYS C 130 29.35 -6.41 44.39
CA LYS C 130 29.31 -5.17 45.14
C LYS C 130 30.05 -4.01 44.46
N GLN C 131 31.26 -4.27 43.92
CA GLN C 131 32.02 -3.19 43.29
C GLN C 131 31.36 -2.70 41.97
N ALA C 132 30.70 -3.60 41.19
CA ALA C 132 30.01 -3.17 39.97
C ALA C 132 28.74 -2.38 40.37
N HIS C 133 28.04 -2.82 41.43
CA HIS C 133 26.85 -2.12 41.91
C HIS C 133 27.25 -0.70 42.37
N GLU C 134 28.39 -0.58 43.05
CA GLU C 134 28.91 0.70 43.50
C GLU C 134 29.17 1.68 42.35
N LEU C 135 29.77 1.21 41.26
CA LEU C 135 30.00 2.08 40.10
C LEU C 135 28.67 2.55 39.49
N ALA C 136 27.70 1.61 39.38
CA ALA C 136 26.39 1.91 38.81
C ALA C 136 25.66 2.94 39.70
N LYS C 137 25.81 2.83 41.02
CA LYS C 137 25.26 3.79 41.96
C LYS C 137 25.87 5.18 41.73
N SER C 138 27.19 5.24 41.48
CA SER C 138 27.88 6.52 41.20
C SER C 138 27.40 7.18 39.90
N TYR C 139 26.89 6.36 38.96
CA TYR C 139 26.35 6.83 37.70
C TYR C 139 24.83 7.17 37.78
N GLY C 140 24.15 6.70 38.83
CA GLY C 140 22.72 6.84 39.02
C GLY C 140 21.94 5.88 38.14
N ILE C 141 22.55 4.73 37.76
CA ILE C 141 21.88 3.80 36.85
C ILE C 141 21.75 2.38 37.42
N PRO C 142 20.85 1.57 36.86
CA PRO C 142 20.74 0.19 37.34
C PRO C 142 21.90 -0.67 36.82
N PHE C 143 22.19 -1.73 37.58
CA PHE C 143 23.20 -2.72 37.26
C PHE C 143 22.51 -4.07 37.17
N ILE C 144 22.77 -4.83 36.12
CA ILE C 144 22.18 -6.15 35.96
C ILE C 144 23.25 -7.19 35.75
N GLU C 145 23.24 -8.27 36.55
CA GLU C 145 24.17 -9.38 36.30
C GLU C 145 23.52 -10.35 35.34
N THR C 146 24.17 -10.67 34.20
CA THR C 146 23.57 -11.53 33.19
C THR C 146 24.45 -12.75 32.82
N SER C 147 23.85 -13.75 32.17
CA SER C 147 24.59 -14.83 31.53
C SER C 147 23.90 -15.04 30.21
N ALA C 148 24.58 -14.71 29.10
CA ALA C 148 24.03 -15.02 27.77
C ALA C 148 24.02 -16.56 27.60
N LYS C 149 24.90 -17.33 28.29
CA LYS C 149 24.91 -18.79 28.17
C LYS C 149 23.64 -19.44 28.77
N THR C 150 23.27 -19.03 29.99
CA THR C 150 22.08 -19.59 30.64
C THR C 150 20.82 -18.79 30.35
N ARG C 151 20.94 -17.58 29.76
CA ARG C 151 19.88 -16.60 29.45
C ARG C 151 19.41 -15.80 30.69
N GLN C 152 20.12 -15.91 31.82
CA GLN C 152 19.77 -15.18 33.03
C GLN C 152 19.91 -13.68 32.85
N GLY C 153 18.90 -12.92 33.26
CA GLY C 153 18.95 -11.46 33.21
C GLY C 153 18.99 -10.80 31.84
N VAL C 154 18.89 -11.58 30.75
CA VAL C 154 18.95 -11.00 29.38
C VAL C 154 17.80 -10.05 29.12
N GLU C 155 16.53 -10.50 29.25
CA GLU C 155 15.39 -9.60 29.07
C GLU C 155 15.46 -8.47 30.10
N ASP C 156 15.84 -8.78 31.37
CA ASP C 156 15.99 -7.73 32.38
C ASP C 156 16.92 -6.59 31.90
N ALA C 157 18.09 -6.91 31.32
CA ALA C 157 19.02 -5.87 30.87
C ALA C 157 18.41 -4.98 29.77
N PHE C 158 17.90 -5.57 28.66
CA PHE C 158 17.35 -4.75 27.58
C PHE C 158 16.07 -4.03 28.02
N TYR C 159 15.16 -4.74 28.71
CA TYR C 159 13.88 -4.15 29.12
C TYR C 159 14.03 -3.05 30.16
N THR C 160 15.03 -3.15 31.06
CA THR C 160 15.28 -2.10 32.04
C THR C 160 15.72 -0.83 31.30
N LEU C 161 16.60 -0.97 30.27
CA LEU C 161 17.05 0.18 29.47
C LEU C 161 15.89 0.83 28.70
N VAL C 162 14.98 0.02 28.13
CA VAL C 162 13.81 0.57 27.43
C VAL C 162 12.95 1.39 28.43
N ARG C 163 12.74 0.84 29.64
CA ARG C 163 11.96 1.52 30.69
C ARG C 163 12.61 2.84 31.11
N GLU C 164 13.95 2.91 31.13
CA GLU C 164 14.68 4.15 31.42
C GLU C 164 14.43 5.20 30.32
N ILE C 165 14.52 4.82 29.03
CA ILE C 165 14.26 5.76 27.93
C ILE C 165 12.78 6.23 27.96
N ARG C 166 11.83 5.29 28.17
CA ARG C 166 10.40 5.61 28.28
C ARG C 166 10.16 6.68 29.36
N GLN C 167 10.79 6.52 30.53
CA GLN C 167 10.68 7.48 31.65
C GLN C 167 11.39 8.81 31.35
N TYR C 168 12.55 8.76 30.69
CA TYR C 168 13.33 9.92 30.27
C TYR C 168 12.53 10.82 29.31
N ARG C 169 11.76 10.21 28.40
CA ARG C 169 10.94 10.96 27.46
C ARG C 169 9.73 11.67 28.10
N MET C 170 9.34 11.27 29.31
CA MET C 170 8.19 11.87 29.99
C MET C 170 8.54 13.10 30.83
N MET D 3 40.25 -2.86 2.53
CA MET D 3 40.09 -4.15 1.88
C MET D 3 38.86 -4.17 0.94
N THR D 4 38.76 -5.21 0.11
CA THR D 4 37.66 -5.38 -0.83
C THR D 4 36.37 -5.61 -0.05
N GLU D 5 35.27 -5.03 -0.52
CA GLU D 5 33.99 -5.08 0.17
C GLU D 5 32.87 -5.36 -0.80
N TYR D 6 31.83 -6.09 -0.37
CA TYR D 6 30.70 -6.42 -1.24
C TYR D 6 29.42 -6.17 -0.47
N LYS D 7 28.47 -5.42 -1.08
CA LYS D 7 27.18 -5.15 -0.46
C LYS D 7 26.16 -6.12 -1.04
N LEU D 8 25.83 -7.17 -0.29
CA LEU D 8 24.91 -8.21 -0.70
C LEU D 8 23.55 -7.95 -0.07
N VAL D 9 22.49 -8.20 -0.82
CA VAL D 9 21.14 -8.03 -0.28
C VAL D 9 20.37 -9.35 -0.46
N VAL D 10 19.71 -9.83 0.57
CA VAL D 10 18.97 -11.08 0.50
C VAL D 10 17.50 -10.70 0.45
N VAL D 11 16.82 -11.04 -0.69
CA VAL D 11 15.42 -10.67 -0.94
C VAL D 11 14.55 -11.91 -1.20
N GLY D 12 13.24 -11.75 -1.08
CA GLY D 12 12.31 -12.83 -1.34
C GLY D 12 11.11 -12.80 -0.42
N ALA D 13 10.06 -13.59 -0.72
CA ALA D 13 8.82 -13.63 0.02
C ALA D 13 8.98 -13.98 1.51
N GLY D 14 7.97 -13.68 2.34
CA GLY D 14 8.05 -13.96 3.76
C GLY D 14 8.15 -15.45 4.03
N GLY D 15 8.98 -15.81 5.00
CA GLY D 15 9.13 -17.19 5.45
C GLY D 15 9.97 -18.14 4.59
N VAL D 16 10.61 -17.64 3.51
CA VAL D 16 11.38 -18.54 2.61
C VAL D 16 12.71 -19.03 3.18
N GLY D 17 13.23 -18.35 4.21
CA GLY D 17 14.49 -18.71 4.85
C GLY D 17 15.62 -17.72 4.59
N LYS D 18 15.30 -16.44 4.28
CA LYS D 18 16.36 -15.43 4.05
C LYS D 18 17.24 -15.26 5.31
N SER D 19 16.60 -15.12 6.47
CA SER D 19 17.30 -14.92 7.75
C SER D 19 18.02 -16.19 8.17
N ALA D 20 17.36 -17.36 8.04
CA ALA D 20 18.03 -18.61 8.39
C ALA D 20 19.27 -18.86 7.52
N LEU D 21 19.24 -18.51 6.23
CA LEU D 21 20.39 -18.71 5.36
C LEU D 21 21.53 -17.76 5.79
N THR D 22 21.21 -16.50 6.08
CA THR D 22 22.22 -15.52 6.48
C THR D 22 22.86 -15.90 7.81
N ILE D 23 22.02 -16.30 8.79
CA ILE D 23 22.50 -16.72 10.12
C ILE D 23 23.34 -18.00 10.01
N GLN D 24 22.97 -18.90 9.10
CA GLN D 24 23.76 -20.12 8.89
C GLN D 24 25.15 -19.73 8.34
N LEU D 25 25.21 -18.81 7.38
CA LEU D 25 26.48 -18.39 6.79
C LEU D 25 27.41 -17.75 7.82
N ILE D 26 26.86 -16.83 8.59
CA ILE D 26 27.62 -15.99 9.50
C ILE D 26 27.83 -16.57 10.90
N GLN D 27 26.84 -17.29 11.42
CA GLN D 27 26.91 -17.83 12.78
C GLN D 27 27.02 -19.33 12.88
N ASN D 28 26.90 -20.07 11.74
CA ASN D 28 26.97 -21.53 11.77
C ASN D 28 25.93 -22.15 12.70
N HIS D 29 24.71 -21.60 12.68
CA HIS D 29 23.62 -22.12 13.50
C HIS D 29 22.33 -22.06 12.68
N PHE D 30 21.43 -23.04 12.87
CA PHE D 30 20.12 -22.99 12.20
C PHE D 30 19.07 -22.48 13.19
N VAL D 31 18.34 -21.44 12.81
CA VAL D 31 17.26 -20.88 13.60
C VAL D 31 15.98 -21.62 13.21
N ASP D 32 15.42 -22.39 14.15
CA ASP D 32 14.18 -23.17 13.97
C ASP D 32 12.94 -22.25 14.06
N GLU D 33 13.00 -21.23 14.93
CA GLU D 33 11.89 -20.32 15.13
C GLU D 33 11.72 -19.36 13.95
N TYR D 34 10.50 -18.85 13.76
CA TYR D 34 10.25 -17.87 12.73
C TYR D 34 10.07 -16.49 13.38
N ASP D 35 11.10 -15.64 13.29
CA ASP D 35 11.14 -14.27 13.80
C ASP D 35 11.04 -13.34 12.55
N PRO D 36 9.83 -12.94 12.09
CA PRO D 36 9.74 -12.11 10.85
C PRO D 36 10.58 -10.83 10.93
N THR D 37 11.34 -10.57 9.86
CA THR D 37 12.30 -9.48 9.82
C THR D 37 11.69 -8.18 9.36
N ILE D 38 12.23 -7.07 9.85
CA ILE D 38 11.92 -5.74 9.35
C ILE D 38 13.13 -5.38 8.44
N GLU D 39 14.33 -5.32 9.01
CA GLU D 39 15.56 -5.12 8.26
C GLU D 39 16.73 -5.24 9.22
N ASP D 40 17.55 -6.28 9.06
CA ASP D 40 18.76 -6.54 9.83
C ASP D 40 19.97 -6.40 8.92
N SER D 41 21.10 -5.99 9.49
CA SER D 41 22.34 -5.87 8.71
C SER D 41 23.48 -6.52 9.45
N TYR D 42 24.37 -7.20 8.68
CA TYR D 42 25.50 -7.92 9.22
C TYR D 42 26.75 -7.58 8.45
N ARG D 43 27.91 -7.70 9.09
CA ARG D 43 29.19 -7.50 8.40
C ARG D 43 30.12 -8.58 8.84
N LYS D 44 30.75 -9.26 7.88
CA LYS D 44 31.68 -10.32 8.22
C LYS D 44 32.77 -10.40 7.22
N GLN D 45 34.01 -10.47 7.70
CA GLN D 45 35.19 -10.61 6.86
C GLN D 45 35.34 -12.10 6.54
N VAL D 46 35.54 -12.45 5.27
CA VAL D 46 35.65 -13.85 4.86
C VAL D 46 36.84 -13.98 3.86
N VAL D 47 37.23 -15.23 3.54
CA VAL D 47 38.26 -15.44 2.51
C VAL D 47 37.57 -16.18 1.36
N ILE D 48 37.46 -15.56 0.16
CA ILE D 48 36.80 -16.20 -0.98
C ILE D 48 37.80 -16.23 -2.14
N ASP D 49 38.21 -17.44 -2.53
CA ASP D 49 39.21 -17.68 -3.59
C ASP D 49 40.50 -16.89 -3.34
N GLY D 50 40.99 -16.98 -2.11
CA GLY D 50 42.20 -16.29 -1.68
C GLY D 50 42.05 -14.81 -1.43
N GLU D 51 40.86 -14.25 -1.58
CA GLU D 51 40.63 -12.84 -1.39
C GLU D 51 39.96 -12.55 -0.03
N THR D 52 40.63 -11.81 0.86
CA THR D 52 40.02 -11.41 2.14
C THR D 52 39.02 -10.30 1.77
N SER D 53 37.74 -10.52 2.03
CA SER D 53 36.69 -9.57 1.64
C SER D 53 35.82 -9.27 2.84
N LEU D 54 35.23 -8.09 2.86
CA LEU D 54 34.25 -7.74 3.86
C LEU D 54 32.86 -7.87 3.19
N LEU D 55 32.00 -8.74 3.73
CA LEU D 55 30.63 -8.86 3.21
C LEU D 55 29.68 -8.07 4.08
N ASP D 56 28.99 -7.09 3.49
CA ASP D 56 27.96 -6.31 4.20
C ASP D 56 26.66 -6.92 3.70
N ILE D 57 25.93 -7.59 4.57
CA ILE D 57 24.71 -8.31 4.16
C ILE D 57 23.49 -7.68 4.76
N LEU D 58 22.54 -7.34 3.91
CA LEU D 58 21.29 -6.78 4.35
C LEU D 58 20.23 -7.86 4.24
N ASP D 59 19.63 -8.17 5.35
CA ASP D 59 18.61 -9.21 5.46
C ASP D 59 17.30 -8.47 5.51
N THR D 60 16.52 -8.57 4.42
CA THR D 60 15.33 -7.76 4.24
C THR D 60 13.99 -8.46 4.63
N ALA D 61 12.92 -7.65 4.65
CA ALA D 61 11.57 -8.10 4.99
C ALA D 61 10.87 -8.70 3.77
N GLY D 62 10.35 -9.92 3.93
CA GLY D 62 9.51 -10.55 2.93
C GLY D 62 8.07 -10.10 3.07
N ARG D 63 7.64 -9.67 4.28
CA ARG D 63 6.27 -9.19 4.48
C ARG D 63 5.99 -7.95 3.64
N GLU D 64 4.93 -8.01 2.81
CA GLU D 64 4.59 -6.93 1.86
C GLU D 64 4.42 -5.54 2.45
N GLU D 65 3.96 -5.44 3.72
CA GLU D 65 3.78 -4.12 4.33
C GLU D 65 5.09 -3.34 4.53
N TYR D 66 6.25 -3.94 4.23
CA TYR D 66 7.54 -3.22 4.31
C TYR D 66 8.11 -2.88 2.93
N SER D 67 7.29 -2.99 1.85
CA SER D 67 7.71 -2.76 0.46
C SER D 67 8.31 -1.40 0.16
N ALA D 68 7.90 -0.32 0.88
CA ALA D 68 8.44 1.00 0.60
C ALA D 68 9.93 1.18 0.93
N MET D 69 10.53 0.24 1.68
CA MET D 69 11.97 0.29 1.99
C MET D 69 12.84 -0.30 0.86
N ARG D 70 12.21 -0.98 -0.13
CA ARG D 70 12.92 -1.67 -1.21
C ARG D 70 13.72 -0.77 -2.10
N ASP D 71 13.16 0.38 -2.56
CA ASP D 71 13.91 1.26 -3.47
C ASP D 71 15.32 1.63 -2.94
N GLN D 72 15.45 2.00 -1.65
CA GLN D 72 16.77 2.38 -1.13
C GLN D 72 17.78 1.24 -1.12
N TYR D 73 17.38 0.06 -0.61
CA TYR D 73 18.32 -1.07 -0.57
C TYR D 73 18.65 -1.58 -1.97
N MET D 74 17.75 -1.39 -2.96
CA MET D 74 18.07 -1.82 -4.32
C MET D 74 19.07 -0.85 -4.95
N ARG D 75 18.96 0.46 -4.65
CA ARG D 75 19.92 1.43 -5.16
C ARG D 75 21.33 1.13 -4.60
N THR D 76 21.41 0.84 -3.29
CA THR D 76 22.70 0.63 -2.63
C THR D 76 23.33 -0.73 -2.91
N GLY D 77 22.51 -1.79 -2.87
CA GLY D 77 22.96 -3.17 -3.06
C GLY D 77 23.75 -3.43 -4.34
N GLU D 78 24.85 -4.18 -4.22
CA GLU D 78 25.69 -4.51 -5.39
C GLU D 78 25.34 -5.87 -5.99
N GLY D 79 24.77 -6.76 -5.18
CA GLY D 79 24.40 -8.09 -5.64
C GLY D 79 23.18 -8.55 -4.86
N PHE D 80 22.32 -9.37 -5.48
CA PHE D 80 21.10 -9.80 -4.81
C PHE D 80 20.91 -11.31 -4.82
N LEU D 81 20.57 -11.90 -3.66
CA LEU D 81 20.17 -13.31 -3.63
C LEU D 81 18.63 -13.27 -3.72
N LEU D 82 18.07 -13.85 -4.79
CA LEU D 82 16.63 -13.93 -5.00
C LEU D 82 16.19 -15.26 -4.43
N VAL D 83 15.65 -15.24 -3.22
CA VAL D 83 15.31 -16.47 -2.51
C VAL D 83 13.83 -16.83 -2.56
N PHE D 84 13.54 -18.12 -2.84
CA PHE D 84 12.19 -18.69 -2.74
C PHE D 84 12.36 -20.03 -1.97
N ALA D 85 11.26 -20.61 -1.51
CA ALA D 85 11.32 -21.91 -0.83
C ALA D 85 10.72 -22.96 -1.79
N ILE D 86 11.33 -24.15 -1.85
CA ILE D 86 10.90 -25.16 -2.81
C ILE D 86 9.53 -25.75 -2.51
N ASN D 87 8.97 -25.49 -1.33
CA ASN D 87 7.60 -25.93 -1.03
C ASN D 87 6.62 -24.74 -1.04
N ASN D 88 6.98 -23.64 -1.72
CA ASN D 88 6.16 -22.45 -1.74
C ASN D 88 6.16 -21.90 -3.16
N SER D 89 5.17 -22.33 -3.97
CA SER D 89 5.06 -21.91 -5.36
C SER D 89 4.85 -20.38 -5.49
N LYS D 90 4.09 -19.76 -4.57
CA LYS D 90 3.88 -18.32 -4.59
C LYS D 90 5.22 -17.57 -4.46
N SER D 91 6.10 -18.03 -3.55
CA SER D 91 7.42 -17.39 -3.39
C SER D 91 8.27 -17.51 -4.65
N PHE D 92 8.08 -18.58 -5.42
CA PHE D 92 8.80 -18.78 -6.68
C PHE D 92 8.26 -17.80 -7.72
N ALA D 93 6.91 -17.54 -7.73
CA ALA D 93 6.33 -16.55 -8.66
C ALA D 93 6.84 -15.12 -8.30
N ASP D 94 6.92 -14.82 -7.00
CA ASP D 94 7.40 -13.52 -6.50
C ASP D 94 8.84 -13.19 -6.89
N ILE D 95 9.66 -14.16 -7.28
CA ILE D 95 11.05 -13.90 -7.72
C ILE D 95 11.05 -12.88 -8.88
N ASN D 96 10.14 -13.05 -9.89
CA ASN D 96 10.07 -12.12 -11.02
C ASN D 96 9.77 -10.69 -10.63
N LEU D 97 8.94 -10.47 -9.59
CA LEU D 97 8.62 -9.15 -9.05
C LEU D 97 9.88 -8.46 -8.51
N TYR D 98 10.66 -9.21 -7.73
CA TYR D 98 11.91 -8.68 -7.19
C TYR D 98 12.92 -8.38 -8.31
N ARG D 99 13.13 -9.32 -9.23
CA ARG D 99 14.09 -9.10 -10.32
C ARG D 99 13.69 -7.87 -11.19
N GLU D 100 12.39 -7.71 -11.47
CA GLU D 100 11.93 -6.57 -12.26
C GLU D 100 12.12 -5.26 -11.53
N GLN D 101 11.83 -5.25 -10.21
CA GLN D 101 12.02 -4.04 -9.42
C GLN D 101 13.52 -3.65 -9.33
N ILE D 102 14.40 -4.66 -9.15
CA ILE D 102 15.84 -4.40 -9.13
C ILE D 102 16.29 -3.80 -10.49
N LYS D 103 15.84 -4.39 -11.62
CA LYS D 103 16.22 -3.90 -12.94
C LYS D 103 15.80 -2.46 -13.15
N ARG D 104 14.60 -2.13 -12.71
CA ARG D 104 14.06 -0.79 -12.86
C ARG D 104 14.78 0.24 -12.00
N VAL D 105 14.94 -0.06 -10.70
CA VAL D 105 15.57 0.88 -9.78
C VAL D 105 17.03 1.15 -10.14
N LYS D 106 17.76 0.10 -10.51
CA LYS D 106 19.17 0.26 -10.87
C LYS D 106 19.39 0.59 -12.37
N ASP D 107 18.30 0.61 -13.17
CA ASP D 107 18.30 0.93 -14.61
C ASP D 107 19.32 0.09 -15.34
N SER D 108 19.33 -1.21 -15.05
CA SER D 108 20.32 -2.09 -15.64
C SER D 108 19.78 -3.49 -15.81
N ASP D 109 20.27 -4.17 -16.83
CA ASP D 109 19.90 -5.55 -17.08
C ASP D 109 20.99 -6.57 -16.72
N ASP D 110 22.10 -6.12 -16.14
CA ASP D 110 23.17 -7.04 -15.75
C ASP D 110 23.55 -6.90 -14.30
N VAL D 111 22.60 -6.54 -13.43
CA VAL D 111 22.88 -6.45 -12.00
C VAL D 111 23.21 -7.85 -11.50
N PRO D 112 24.32 -8.06 -10.78
CA PRO D 112 24.64 -9.42 -10.30
C PRO D 112 23.53 -10.00 -9.43
N MET D 113 23.07 -11.20 -9.77
CA MET D 113 22.02 -11.87 -8.99
C MET D 113 22.24 -13.38 -9.04
N VAL D 114 21.70 -14.08 -8.04
CA VAL D 114 21.72 -15.55 -7.98
C VAL D 114 20.28 -15.98 -7.55
N LEU D 115 19.73 -17.04 -8.16
CA LEU D 115 18.43 -17.56 -7.78
C LEU D 115 18.70 -18.65 -6.74
N VAL D 116 18.02 -18.61 -5.59
CA VAL D 116 18.22 -19.57 -4.51
C VAL D 116 16.92 -20.30 -4.19
N GLY D 117 16.93 -21.63 -4.31
CA GLY D 117 15.78 -22.46 -3.97
C GLY D 117 16.06 -23.12 -2.64
N ASN D 118 15.52 -22.54 -1.57
CA ASN D 118 15.78 -22.99 -0.20
C ASN D 118 14.81 -24.06 0.31
N LYS D 119 15.16 -24.70 1.45
CA LYS D 119 14.43 -25.75 2.17
C LYS D 119 14.49 -27.07 1.40
N SER D 120 15.65 -27.36 0.77
CA SER D 120 15.87 -28.58 0.00
C SER D 120 15.85 -29.85 0.86
N ASP D 121 15.95 -29.71 2.19
CA ASP D 121 15.90 -30.87 3.13
C ASP D 121 14.48 -31.42 3.26
N LEU D 122 13.45 -30.63 2.92
CA LEU D 122 12.07 -31.07 3.11
C LEU D 122 11.74 -32.28 2.24
N PRO D 123 10.91 -33.20 2.77
CA PRO D 123 10.63 -34.45 2.04
C PRO D 123 9.75 -34.29 0.81
N THR D 124 9.00 -33.20 0.75
CA THR D 124 8.15 -32.90 -0.39
C THR D 124 8.44 -31.48 -0.88
N ARG D 125 8.10 -31.20 -2.13
CA ARG D 125 8.32 -29.88 -2.72
C ARG D 125 7.27 -29.63 -3.79
N THR D 126 6.99 -28.37 -4.04
CA THR D 126 6.03 -27.96 -5.06
C THR D 126 6.69 -27.23 -6.25
N VAL D 127 7.98 -26.84 -6.12
CA VAL D 127 8.74 -26.20 -7.18
C VAL D 127 9.86 -27.15 -7.57
N ASP D 128 9.77 -27.73 -8.78
CA ASP D 128 10.75 -28.69 -9.28
C ASP D 128 12.10 -28.04 -9.53
N THR D 129 13.16 -28.83 -9.41
CA THR D 129 14.51 -28.39 -9.72
C THR D 129 14.63 -27.84 -11.15
N LYS D 130 14.04 -28.57 -12.13
CA LYS D 130 14.07 -28.17 -13.53
C LYS D 130 13.33 -26.87 -13.80
N GLN D 131 12.16 -26.64 -13.13
CA GLN D 131 11.40 -25.41 -13.33
C GLN D 131 12.22 -24.21 -12.89
N ALA D 132 12.87 -24.33 -11.75
CA ALA D 132 13.66 -23.24 -11.19
C ALA D 132 14.91 -23.00 -12.04
N HIS D 133 15.53 -24.08 -12.55
CA HIS D 133 16.70 -23.93 -13.42
C HIS D 133 16.29 -23.23 -14.73
N GLU D 134 15.10 -23.54 -15.27
CA GLU D 134 14.58 -22.91 -16.48
C GLU D 134 14.49 -21.40 -16.30
N LEU D 135 13.93 -20.95 -15.16
CA LEU D 135 13.79 -19.52 -14.88
C LEU D 135 15.16 -18.87 -14.73
N ALA D 136 16.09 -19.51 -14.01
CA ALA D 136 17.44 -18.94 -13.84
C ALA D 136 18.15 -18.82 -15.20
N LYS D 137 17.97 -19.82 -16.11
CA LYS D 137 18.56 -19.75 -17.46
C LYS D 137 17.99 -18.55 -18.24
N SER D 138 16.67 -18.31 -18.10
CA SER D 138 15.99 -17.21 -18.78
C SER D 138 16.50 -15.83 -18.31
N TYR D 139 17.03 -15.75 -17.09
CA TYR D 139 17.63 -14.55 -16.54
C TYR D 139 19.16 -14.48 -16.82
N GLY D 140 19.76 -15.59 -17.26
CA GLY D 140 21.20 -15.67 -17.46
C GLY D 140 21.96 -15.79 -16.15
N ILE D 141 21.33 -16.36 -15.09
CA ILE D 141 22.02 -16.44 -13.78
C ILE D 141 22.09 -17.86 -13.23
N PRO D 142 23.00 -18.11 -12.28
CA PRO D 142 23.04 -19.42 -11.62
C PRO D 142 21.86 -19.61 -10.67
N PHE D 143 21.49 -20.86 -10.49
CA PHE D 143 20.45 -21.28 -9.58
C PHE D 143 21.13 -22.19 -8.57
N ILE D 144 20.89 -21.96 -7.29
CA ILE D 144 21.49 -22.78 -6.26
C ILE D 144 20.43 -23.36 -5.34
N GLU D 145 20.41 -24.70 -5.15
CA GLU D 145 19.48 -25.31 -4.21
C GLU D 145 20.13 -25.37 -2.83
N THR D 146 19.51 -24.76 -1.82
CA THR D 146 20.11 -24.72 -0.49
C THR D 146 19.21 -25.31 0.57
N SER D 147 19.81 -25.60 1.74
CA SER D 147 19.08 -25.92 2.94
C SER D 147 19.75 -25.15 4.07
N ALA D 148 19.07 -24.15 4.63
CA ALA D 148 19.61 -23.45 5.80
C ALA D 148 19.64 -24.42 7.01
N LYS D 149 18.80 -25.48 7.02
CA LYS D 149 18.77 -26.47 8.09
C LYS D 149 20.06 -27.32 8.15
N THR D 150 20.48 -27.89 7.00
CA THR D 150 21.70 -28.71 6.96
C THR D 150 22.96 -27.92 6.55
N ARG D 151 22.81 -26.65 6.11
CA ARG D 151 23.89 -25.81 5.56
C ARG D 151 24.28 -26.19 4.10
N GLN D 152 23.52 -27.11 3.47
CA GLN D 152 23.75 -27.49 2.09
C GLN D 152 23.65 -26.27 1.17
N GLY D 153 24.69 -26.02 0.38
CA GLY D 153 24.70 -24.96 -0.62
C GLY D 153 24.72 -23.53 -0.12
N VAL D 154 24.82 -23.33 1.19
CA VAL D 154 24.76 -22.00 1.77
C VAL D 154 25.92 -21.14 1.31
N GLU D 155 27.17 -21.64 1.48
CA GLU D 155 28.32 -20.91 1.02
C GLU D 155 28.31 -20.80 -0.49
N ASP D 156 27.88 -21.85 -1.22
CA ASP D 156 27.78 -21.77 -2.69
C ASP D 156 26.90 -20.59 -3.11
N ALA D 157 25.74 -20.41 -2.45
CA ALA D 157 24.84 -19.32 -2.78
C ALA D 157 25.49 -17.92 -2.61
N PHE D 158 26.03 -17.62 -1.42
CA PHE D 158 26.60 -16.31 -1.16
C PHE D 158 27.91 -16.11 -1.94
N TYR D 159 28.76 -17.11 -1.98
CA TYR D 159 30.07 -16.99 -2.65
C TYR D 159 29.94 -16.89 -4.18
N THR D 160 28.93 -17.55 -4.77
CA THR D 160 28.69 -17.44 -6.21
C THR D 160 28.27 -16.00 -6.50
N LEU D 161 27.43 -15.39 -5.63
CA LEU D 161 27.06 -14.00 -5.80
C LEU D 161 28.28 -13.08 -5.70
N VAL D 162 29.16 -13.30 -4.71
CA VAL D 162 30.39 -12.48 -4.61
C VAL D 162 31.24 -12.61 -5.89
N ARG D 163 31.39 -13.82 -6.41
CA ARG D 163 32.17 -14.06 -7.64
C ARG D 163 31.57 -13.29 -8.83
N GLU D 164 30.23 -13.24 -8.93
CA GLU D 164 29.59 -12.47 -9.99
C GLU D 164 29.88 -10.99 -9.86
N ILE D 165 29.84 -10.42 -8.62
CA ILE D 165 30.14 -8.99 -8.45
C ILE D 165 31.62 -8.73 -8.78
N ARG D 166 32.51 -9.62 -8.36
CA ARG D 166 33.94 -9.50 -8.65
C ARG D 166 34.19 -9.42 -10.17
N GLN D 167 33.50 -10.28 -10.93
CA GLN D 167 33.65 -10.29 -12.39
C GLN D 167 33.00 -9.04 -13.02
N TYR D 168 31.84 -8.67 -12.51
CA TYR D 168 31.08 -7.52 -12.99
C TYR D 168 31.88 -6.21 -12.84
N ARG D 169 32.68 -6.09 -11.77
CA ARG D 169 33.52 -4.91 -11.55
C ARG D 169 34.64 -4.73 -12.60
N MET D 170 34.96 -5.78 -13.36
CA MET D 170 36.02 -5.71 -14.38
C MET D 170 35.43 -5.36 -15.76
N MET E 3 -36.07 -22.28 -5.10
CA MET E 3 -35.49 -22.57 -6.42
C MET E 3 -34.43 -23.69 -6.35
N THR E 4 -33.98 -24.19 -7.50
CA THR E 4 -32.97 -25.23 -7.60
C THR E 4 -31.67 -24.73 -6.96
N GLU E 5 -31.03 -25.57 -6.15
CA GLU E 5 -29.82 -25.20 -5.42
C GLU E 5 -28.74 -26.22 -5.66
N TYR E 6 -27.47 -25.79 -5.71
CA TYR E 6 -26.35 -26.73 -5.89
C TYR E 6 -25.26 -26.37 -4.90
N LYS E 7 -24.83 -27.35 -4.10
CA LYS E 7 -23.77 -27.17 -3.10
C LYS E 7 -22.46 -27.63 -3.69
N LEU E 8 -21.65 -26.69 -4.12
CA LEU E 8 -20.39 -26.95 -4.79
C LEU E 8 -19.25 -26.73 -3.83
N VAL E 9 -18.25 -27.61 -3.89
CA VAL E 9 -17.10 -27.49 -3.00
C VAL E 9 -15.82 -27.47 -3.82
N VAL E 10 -14.96 -26.49 -3.59
CA VAL E 10 -13.70 -26.34 -4.32
C VAL E 10 -12.56 -26.88 -3.43
N VAL E 11 -11.86 -27.93 -3.88
CA VAL E 11 -10.79 -28.60 -3.11
C VAL E 11 -9.50 -28.70 -3.92
N GLY E 12 -8.39 -28.88 -3.22
CA GLY E 12 -7.09 -28.97 -3.86
C GLY E 12 -5.99 -28.43 -2.99
N ALA E 13 -4.75 -28.72 -3.35
CA ALA E 13 -3.60 -28.29 -2.58
C ALA E 13 -3.54 -26.77 -2.35
N GLY E 14 -2.76 -26.33 -1.36
CA GLY E 14 -2.64 -24.90 -1.07
C GLY E 14 -2.05 -24.14 -2.24
N GLY E 15 -2.54 -22.94 -2.49
CA GLY E 15 -2.00 -22.07 -3.53
C GLY E 15 -2.29 -22.36 -5.00
N VAL E 16 -3.15 -23.35 -5.29
CA VAL E 16 -3.43 -23.70 -6.69
C VAL E 16 -4.39 -22.73 -7.39
N GLY E 17 -5.14 -21.93 -6.64
CA GLY E 17 -6.06 -20.98 -7.24
C GLY E 17 -7.53 -21.22 -6.95
N LYS E 18 -7.88 -22.02 -5.91
CA LYS E 18 -9.29 -22.26 -5.54
C LYS E 18 -10.04 -20.98 -5.25
N SER E 19 -9.46 -20.10 -4.41
CA SER E 19 -10.12 -18.83 -4.08
C SER E 19 -10.19 -17.91 -5.28
N ALA E 20 -9.13 -17.83 -6.05
CA ALA E 20 -9.10 -16.98 -7.25
C ALA E 20 -10.14 -17.41 -8.27
N LEU E 21 -10.36 -18.71 -8.44
CA LEU E 21 -11.38 -19.23 -9.36
C LEU E 21 -12.75 -18.80 -8.89
N THR E 22 -13.02 -18.99 -7.61
CA THR E 22 -14.31 -18.66 -7.01
C THR E 22 -14.58 -17.17 -7.08
N ILE E 23 -13.62 -16.32 -6.68
CA ILE E 23 -13.78 -14.87 -6.72
C ILE E 23 -13.92 -14.36 -8.16
N GLN E 24 -13.29 -15.02 -9.13
CA GLN E 24 -13.44 -14.65 -10.53
C GLN E 24 -14.87 -14.96 -10.96
N LEU E 25 -15.40 -16.13 -10.59
CA LEU E 25 -16.79 -16.47 -10.94
C LEU E 25 -17.80 -15.52 -10.28
N ILE E 26 -17.68 -15.30 -8.96
CA ILE E 26 -18.57 -14.47 -8.15
C ILE E 26 -18.47 -12.95 -8.45
N GLN E 27 -17.25 -12.38 -8.39
CA GLN E 27 -16.97 -10.95 -8.48
C GLN E 27 -16.35 -10.44 -9.80
N ASN E 28 -16.02 -11.33 -10.76
CA ASN E 28 -15.43 -10.92 -12.03
C ASN E 28 -14.15 -10.11 -11.85
N HIS E 29 -13.31 -10.52 -10.88
CA HIS E 29 -12.08 -9.81 -10.55
C HIS E 29 -10.98 -10.82 -10.13
N PHE E 30 -9.70 -10.43 -10.34
CA PHE E 30 -8.55 -11.25 -9.97
C PHE E 30 -7.57 -10.44 -9.16
N VAL E 31 -7.02 -11.00 -8.09
CA VAL E 31 -5.95 -10.33 -7.32
C VAL E 31 -4.74 -11.23 -7.26
N ASP E 32 -3.56 -10.63 -7.30
CA ASP E 32 -2.32 -11.38 -7.25
C ASP E 32 -1.95 -11.80 -5.83
N GLU E 33 -2.44 -11.07 -4.81
CA GLU E 33 -2.15 -11.33 -3.40
C GLU E 33 -2.67 -12.68 -2.96
N TYR E 34 -1.91 -13.35 -2.09
CA TYR E 34 -2.31 -14.67 -1.59
C TYR E 34 -2.76 -14.59 -0.13
N ASP E 35 -4.05 -14.79 0.10
CA ASP E 35 -4.61 -14.83 1.44
C ASP E 35 -5.05 -16.27 1.69
N PRO E 36 -4.19 -17.08 2.33
CA PRO E 36 -4.54 -18.50 2.53
C PRO E 36 -5.87 -18.69 3.26
N THR E 37 -6.76 -19.45 2.66
CA THR E 37 -8.10 -19.67 3.19
C THR E 37 -8.19 -20.68 4.32
N ILE E 38 -9.13 -20.48 5.27
CA ILE E 38 -9.47 -21.44 6.34
C ILE E 38 -10.73 -22.11 5.81
N GLU E 39 -11.82 -21.33 5.58
CA GLU E 39 -13.03 -21.80 4.96
C GLU E 39 -13.95 -20.61 4.75
N ASP E 40 -14.30 -20.34 3.49
CA ASP E 40 -15.21 -19.26 3.13
C ASP E 40 -16.36 -19.84 2.32
N SER E 41 -17.53 -19.20 2.36
CA SER E 41 -18.67 -19.66 1.56
C SER E 41 -19.29 -18.50 0.77
N TYR E 42 -19.87 -18.80 -0.40
CA TYR E 42 -20.50 -17.78 -1.24
C TYR E 42 -21.79 -18.29 -1.80
N ARG E 43 -22.76 -17.39 -1.97
CA ARG E 43 -24.01 -17.77 -2.63
C ARG E 43 -24.15 -16.89 -3.85
N LYS E 44 -24.51 -17.50 -4.98
CA LYS E 44 -24.66 -16.75 -6.22
C LYS E 44 -25.85 -17.26 -7.01
N GLN E 45 -26.76 -16.36 -7.37
CA GLN E 45 -27.89 -16.72 -8.21
C GLN E 45 -27.42 -16.62 -9.66
N VAL E 46 -27.56 -17.71 -10.40
CA VAL E 46 -27.11 -17.77 -11.80
C VAL E 46 -28.22 -18.36 -12.69
N VAL E 47 -28.09 -18.22 -14.00
CA VAL E 47 -29.02 -18.87 -14.95
C VAL E 47 -28.14 -19.80 -15.78
N ILE E 48 -28.31 -21.12 -15.62
CA ILE E 48 -27.51 -22.08 -16.37
C ILE E 48 -28.46 -22.90 -17.28
N ASP E 49 -28.31 -22.76 -18.59
CA ASP E 49 -29.16 -23.44 -19.57
C ASP E 49 -30.65 -23.11 -19.32
N GLY E 50 -30.95 -21.86 -19.03
CA GLY E 50 -32.33 -21.44 -18.80
C GLY E 50 -32.88 -21.74 -17.42
N GLU E 51 -32.11 -22.42 -16.57
CA GLU E 51 -32.54 -22.76 -15.21
C GLU E 51 -31.98 -21.75 -14.21
N THR E 52 -32.85 -21.01 -13.48
CA THR E 52 -32.38 -20.10 -12.43
C THR E 52 -32.00 -20.96 -11.22
N SER E 53 -30.75 -20.86 -10.77
CA SER E 53 -30.23 -21.70 -9.71
C SER E 53 -29.52 -20.86 -8.66
N LEU E 54 -29.48 -21.36 -7.43
CA LEU E 54 -28.68 -20.77 -6.38
C LEU E 54 -27.43 -21.67 -6.23
N LEU E 55 -26.22 -21.10 -6.41
CA LEU E 55 -24.99 -21.84 -6.22
C LEU E 55 -24.43 -21.51 -4.84
N ASP E 56 -24.28 -22.51 -3.99
CA ASP E 56 -23.67 -22.37 -2.67
C ASP E 56 -22.26 -22.92 -2.87
N ILE E 57 -21.24 -22.07 -2.90
CA ILE E 57 -19.88 -22.51 -3.13
C ILE E 57 -19.05 -22.44 -1.86
N LEU E 58 -18.44 -23.57 -1.48
CA LEU E 58 -17.55 -23.60 -0.33
C LEU E 58 -16.10 -23.62 -0.85
N ASP E 59 -15.34 -22.63 -0.42
CA ASP E 59 -13.97 -22.43 -0.81
C ASP E 59 -13.14 -22.91 0.36
N THR E 60 -12.53 -24.09 0.22
CA THR E 60 -11.85 -24.75 1.33
C THR E 60 -10.34 -24.44 1.43
N ALA E 61 -9.75 -24.89 2.52
CA ALA E 61 -8.34 -24.76 2.81
C ALA E 61 -7.54 -25.84 2.13
N GLY E 62 -6.50 -25.43 1.45
CA GLY E 62 -5.55 -26.36 0.88
C GLY E 62 -4.47 -26.71 1.91
N ARG E 63 -4.22 -25.82 2.90
CA ARG E 63 -3.23 -26.10 3.94
C ARG E 63 -3.65 -27.28 4.78
N GLU E 64 -2.77 -28.28 4.86
CA GLU E 64 -3.04 -29.52 5.60
C GLU E 64 -3.37 -29.34 7.08
N GLU E 65 -2.99 -28.21 7.70
CA GLU E 65 -3.32 -27.98 9.11
C GLU E 65 -4.81 -27.70 9.36
N TYR E 66 -5.59 -27.43 8.29
CA TYR E 66 -7.04 -27.24 8.38
C TYR E 66 -7.81 -28.44 7.81
N SER E 67 -7.21 -29.65 7.85
CA SER E 67 -7.83 -30.83 7.29
C SER E 67 -8.95 -31.43 8.14
N ALA E 68 -9.07 -31.03 9.43
CA ALA E 68 -10.13 -31.54 10.32
C ALA E 68 -11.54 -31.18 9.84
N MET E 69 -11.66 -30.11 9.05
CA MET E 69 -12.93 -29.65 8.53
C MET E 69 -13.47 -30.46 7.32
N ARG E 70 -12.62 -31.32 6.73
CA ARG E 70 -12.93 -32.08 5.53
C ARG E 70 -14.14 -33.00 5.58
N ASP E 71 -14.24 -33.93 6.57
CA ASP E 71 -15.36 -34.88 6.57
C ASP E 71 -16.73 -34.22 6.55
N GLN E 72 -16.89 -33.10 7.25
CA GLN E 72 -18.16 -32.39 7.28
C GLN E 72 -18.50 -31.77 5.94
N TYR E 73 -17.57 -31.02 5.33
CA TYR E 73 -17.88 -30.35 4.06
C TYR E 73 -18.04 -31.39 2.90
N MET E 74 -17.40 -32.57 3.03
CA MET E 74 -17.55 -33.60 2.01
C MET E 74 -18.91 -34.29 2.12
N ARG E 75 -19.40 -34.44 3.36
CA ARG E 75 -20.73 -35.03 3.56
C ARG E 75 -21.83 -34.11 3.01
N THR E 76 -21.70 -32.79 3.22
CA THR E 76 -22.74 -31.86 2.76
C THR E 76 -22.61 -31.50 1.28
N GLY E 77 -21.38 -31.47 0.77
CA GLY E 77 -21.12 -31.15 -0.63
C GLY E 77 -21.77 -32.07 -1.65
N GLU E 78 -22.39 -31.47 -2.69
CA GLU E 78 -23.05 -32.24 -3.72
C GLU E 78 -22.18 -32.49 -4.96
N GLY E 79 -21.20 -31.63 -5.19
CA GLY E 79 -20.29 -31.71 -6.32
C GLY E 79 -18.96 -31.07 -5.97
N PHE E 80 -17.87 -31.60 -6.53
CA PHE E 80 -16.54 -31.14 -6.17
C PHE E 80 -15.68 -30.76 -7.35
N LEU E 81 -15.03 -29.60 -7.29
CA LEU E 81 -14.04 -29.23 -8.30
C LEU E 81 -12.69 -29.66 -7.67
N LEU E 82 -11.94 -30.56 -8.36
CA LEU E 82 -10.64 -31.05 -7.89
C LEU E 82 -9.60 -30.17 -8.60
N VAL E 83 -9.04 -29.21 -7.89
CA VAL E 83 -8.18 -28.23 -8.53
C VAL E 83 -6.70 -28.47 -8.30
N PHE E 84 -5.92 -28.44 -9.38
CA PHE E 84 -4.46 -28.47 -9.27
C PHE E 84 -3.92 -27.27 -10.11
N ALA E 85 -2.66 -26.90 -9.95
CA ALA E 85 -2.07 -25.82 -10.77
C ALA E 85 -1.15 -26.48 -11.80
N ILE E 86 -1.21 -26.07 -13.08
CA ILE E 86 -0.45 -26.72 -14.17
C ILE E 86 1.07 -26.59 -14.06
N ASN E 87 1.55 -25.69 -13.20
CA ASN E 87 2.99 -25.49 -12.92
C ASN E 87 3.41 -26.09 -11.54
N ASN E 88 2.57 -26.96 -10.96
CA ASN E 88 2.86 -27.56 -9.66
C ASN E 88 2.50 -29.05 -9.78
N SER E 89 3.49 -29.89 -10.13
CA SER E 89 3.25 -31.31 -10.35
C SER E 89 2.88 -32.06 -9.07
N LYS E 90 3.35 -31.58 -7.89
CA LYS E 90 2.91 -32.16 -6.62
C LYS E 90 1.40 -31.94 -6.42
N SER E 91 0.85 -30.74 -6.77
CA SER E 91 -0.59 -30.50 -6.65
C SER E 91 -1.41 -31.41 -7.54
N PHE E 92 -0.86 -31.79 -8.70
CA PHE E 92 -1.54 -32.73 -9.58
C PHE E 92 -1.53 -34.12 -8.92
N ALA E 93 -0.42 -34.53 -8.33
CA ALA E 93 -0.31 -35.82 -7.65
C ALA E 93 -1.23 -35.86 -6.41
N ASP E 94 -1.46 -34.71 -5.76
CA ASP E 94 -2.35 -34.58 -4.59
C ASP E 94 -3.83 -34.81 -4.93
N ILE E 95 -4.21 -34.74 -6.23
CA ILE E 95 -5.61 -34.89 -6.65
C ILE E 95 -6.22 -36.21 -6.18
N ASN E 96 -5.51 -37.32 -6.38
CA ASN E 96 -6.05 -38.64 -6.05
C ASN E 96 -6.48 -38.78 -4.60
N LEU E 97 -5.69 -38.21 -3.65
CA LEU E 97 -6.02 -38.29 -2.22
C LEU E 97 -7.37 -37.60 -1.94
N TYR E 98 -7.63 -36.47 -2.62
CA TYR E 98 -8.89 -35.76 -2.46
C TYR E 98 -10.05 -36.60 -2.99
N ARG E 99 -9.89 -37.18 -4.19
CA ARG E 99 -10.95 -38.00 -4.77
C ARG E 99 -11.27 -39.22 -3.91
N GLU E 100 -10.26 -39.84 -3.33
CA GLU E 100 -10.48 -41.01 -2.47
C GLU E 100 -11.17 -40.61 -1.16
N GLN E 101 -10.76 -39.49 -0.55
CA GLN E 101 -11.40 -39.02 0.68
C GLN E 101 -12.88 -38.71 0.45
N ILE E 102 -13.24 -38.09 -0.69
CA ILE E 102 -14.63 -37.79 -0.99
C ILE E 102 -15.43 -39.09 -1.13
N LYS E 103 -14.89 -40.06 -1.91
CA LYS E 103 -15.52 -41.36 -2.11
C LYS E 103 -15.81 -42.09 -0.78
N ARG E 104 -14.82 -42.12 0.14
CA ARG E 104 -15.02 -42.83 1.39
C ARG E 104 -16.05 -42.15 2.29
N VAL E 105 -15.97 -40.82 2.50
CA VAL E 105 -16.93 -40.14 3.37
C VAL E 105 -18.35 -40.20 2.82
N LYS E 106 -18.52 -40.06 1.50
CA LYS E 106 -19.85 -40.11 0.91
C LYS E 106 -20.34 -41.53 0.61
N ASP E 107 -19.46 -42.54 0.73
CA ASP E 107 -19.71 -43.96 0.47
C ASP E 107 -20.28 -44.14 -0.92
N SER E 108 -19.65 -43.49 -1.90
CA SER E 108 -20.14 -43.53 -3.28
C SER E 108 -19.00 -43.42 -4.27
N ASP E 109 -19.10 -44.16 -5.36
CA ASP E 109 -18.13 -44.13 -6.43
C ASP E 109 -18.52 -43.23 -7.61
N ASP E 110 -19.67 -42.56 -7.54
CA ASP E 110 -20.09 -41.68 -8.63
C ASP E 110 -20.45 -40.25 -8.21
N VAL E 111 -19.85 -39.73 -7.12
CA VAL E 111 -20.11 -38.35 -6.69
C VAL E 111 -19.73 -37.37 -7.84
N PRO E 112 -20.61 -36.44 -8.22
CA PRO E 112 -20.24 -35.49 -9.30
C PRO E 112 -18.94 -34.73 -8.99
N MET E 113 -18.00 -34.78 -9.95
CA MET E 113 -16.72 -34.12 -9.81
C MET E 113 -16.24 -33.64 -11.18
N VAL E 114 -15.33 -32.67 -11.17
CA VAL E 114 -14.68 -32.16 -12.36
C VAL E 114 -13.21 -31.94 -11.98
N LEU E 115 -12.29 -32.31 -12.88
CA LEU E 115 -10.87 -32.09 -12.64
C LEU E 115 -10.52 -30.73 -13.25
N VAL E 116 -9.92 -29.83 -12.48
CA VAL E 116 -9.57 -28.49 -12.95
C VAL E 116 -8.06 -28.22 -12.97
N GLY E 117 -7.50 -27.95 -14.13
CA GLY E 117 -6.08 -27.62 -14.27
C GLY E 117 -5.94 -26.13 -14.41
N ASN E 118 -5.65 -25.44 -13.29
CA ASN E 118 -5.62 -23.98 -13.23
C ASN E 118 -4.25 -23.35 -13.55
N LYS E 119 -4.26 -22.03 -13.83
CA LYS E 119 -3.12 -21.19 -14.19
C LYS E 119 -2.70 -21.42 -15.62
N SER E 120 -3.68 -21.67 -16.54
N SER E 120 -3.67 -21.68 -16.53
CA SER E 120 -3.42 -21.91 -17.95
CA SER E 120 -3.39 -21.91 -17.96
C SER E 120 -2.83 -20.70 -18.70
C SER E 120 -2.74 -20.71 -18.67
N ASP E 121 -2.87 -19.51 -18.09
CA ASP E 121 -2.28 -18.31 -18.67
C ASP E 121 -0.74 -18.30 -18.58
N LEU E 122 -0.13 -19.15 -17.73
CA LEU E 122 1.32 -19.14 -17.54
C LEU E 122 2.10 -19.53 -18.81
N PRO E 123 3.30 -18.94 -19.03
CA PRO E 123 4.05 -19.27 -20.26
C PRO E 123 4.67 -20.66 -20.30
N THR E 124 4.84 -21.30 -19.14
CA THR E 124 5.38 -22.64 -19.07
C THR E 124 4.53 -23.48 -18.11
N ARG E 125 4.65 -24.80 -18.19
CA ARG E 125 3.88 -25.69 -17.33
C ARG E 125 4.64 -26.99 -17.09
N THR E 126 4.28 -27.69 -16.03
CA THR E 126 4.93 -28.96 -15.68
C THR E 126 4.01 -30.15 -15.76
N VAL E 127 2.68 -29.95 -15.90
CA VAL E 127 1.75 -31.07 -16.02
C VAL E 127 1.17 -30.96 -17.41
N ASP E 128 1.40 -31.96 -18.24
CA ASP E 128 0.93 -32.00 -19.61
C ASP E 128 -0.58 -32.13 -19.63
N THR E 129 -1.23 -31.47 -20.59
CA THR E 129 -2.68 -31.57 -20.79
C THR E 129 -3.13 -33.03 -20.90
N LYS E 130 -2.38 -33.85 -21.65
CA LYS E 130 -2.72 -35.27 -21.85
C LYS E 130 -2.59 -36.10 -20.56
N GLN E 131 -1.64 -35.76 -19.69
CA GLN E 131 -1.48 -36.46 -18.42
C GLN E 131 -2.73 -36.22 -17.55
N ALA E 132 -3.22 -34.97 -17.52
CA ALA E 132 -4.38 -34.65 -16.69
C ALA E 132 -5.65 -35.20 -17.32
N HIS E 133 -5.76 -35.13 -18.65
CA HIS E 133 -6.94 -35.69 -19.34
C HIS E 133 -7.00 -37.22 -19.09
N GLU E 134 -5.86 -37.88 -19.10
CA GLU E 134 -5.78 -39.32 -18.82
C GLU E 134 -6.30 -39.63 -17.42
N LEU E 135 -5.89 -38.84 -16.42
CA LEU E 135 -6.36 -39.07 -15.04
C LEU E 135 -7.88 -38.90 -14.97
N ALA E 136 -8.41 -37.83 -15.57
CA ALA E 136 -9.84 -37.55 -15.60
C ALA E 136 -10.63 -38.62 -16.36
N LYS E 137 -10.08 -39.16 -17.47
CA LYS E 137 -10.72 -40.25 -18.20
C LYS E 137 -10.83 -41.51 -17.31
N SER E 138 -9.78 -41.80 -16.50
CA SER E 138 -9.78 -42.95 -15.59
C SER E 138 -10.83 -42.80 -14.46
N TYR E 139 -11.13 -41.56 -14.08
CA TYR E 139 -12.17 -41.25 -13.10
C TYR E 139 -13.59 -41.18 -13.74
N GLY E 140 -13.68 -41.07 -15.07
CA GLY E 140 -14.97 -40.93 -15.74
C GLY E 140 -15.52 -39.51 -15.62
N ILE E 141 -14.64 -38.51 -15.46
CA ILE E 141 -15.09 -37.13 -15.30
C ILE E 141 -14.44 -36.18 -16.31
N PRO E 142 -15.00 -34.98 -16.50
CA PRO E 142 -14.37 -34.01 -17.43
C PRO E 142 -13.15 -33.34 -16.80
N PHE E 143 -12.22 -32.89 -17.65
CA PHE E 143 -11.03 -32.13 -17.26
C PHE E 143 -11.14 -30.77 -17.94
N ILE E 144 -11.02 -29.68 -17.17
CA ILE E 144 -11.11 -28.33 -17.75
C ILE E 144 -9.85 -27.55 -17.43
N GLU E 145 -9.27 -26.87 -18.45
CA GLU E 145 -8.10 -26.04 -18.20
C GLU E 145 -8.61 -24.63 -17.98
N THR E 146 -8.27 -24.04 -16.83
CA THR E 146 -8.79 -22.72 -16.49
C THR E 146 -7.70 -21.69 -16.17
N SER E 147 -8.09 -20.42 -16.20
CA SER E 147 -7.25 -19.34 -15.73
C SER E 147 -8.15 -18.43 -14.93
N ALA E 148 -7.92 -18.38 -13.63
CA ALA E 148 -8.64 -17.44 -12.77
C ALA E 148 -8.24 -16.00 -13.13
N LYS E 149 -7.05 -15.80 -13.70
CA LYS E 149 -6.54 -14.50 -14.09
C LYS E 149 -7.27 -13.94 -15.30
N THR E 150 -7.38 -14.72 -16.39
CA THR E 150 -8.00 -14.24 -17.63
C THR E 150 -9.48 -14.62 -17.77
N ARG E 151 -9.99 -15.47 -16.87
CA ARG E 151 -11.36 -16.02 -16.86
C ARG E 151 -11.56 -17.22 -17.79
N GLN E 152 -10.51 -17.62 -18.53
CA GLN E 152 -10.62 -18.75 -19.46
C GLN E 152 -11.07 -20.02 -18.72
N GLY E 153 -12.12 -20.66 -19.22
CA GLY E 153 -12.64 -21.90 -18.68
C GLY E 153 -13.31 -21.83 -17.32
N VAL E 154 -13.36 -20.64 -16.67
CA VAL E 154 -13.92 -20.51 -15.30
C VAL E 154 -15.39 -20.89 -15.25
N GLU E 155 -16.21 -20.29 -16.11
CA GLU E 155 -17.62 -20.65 -16.21
C GLU E 155 -17.75 -22.11 -16.63
N ASP E 156 -16.93 -22.56 -17.60
CA ASP E 156 -16.94 -23.96 -18.02
C ASP E 156 -16.73 -24.93 -16.85
N ALA E 157 -15.79 -24.63 -15.94
CA ALA E 157 -15.53 -25.54 -14.81
C ALA E 157 -16.73 -25.64 -13.85
N PHE E 158 -17.24 -24.50 -13.38
CA PHE E 158 -18.35 -24.49 -12.44
C PHE E 158 -19.66 -24.95 -13.05
N TYR E 159 -19.95 -24.52 -14.28
CA TYR E 159 -21.23 -24.87 -14.92
C TYR E 159 -21.25 -26.34 -15.38
N THR E 160 -20.08 -26.89 -15.74
CA THR E 160 -19.99 -28.31 -16.08
C THR E 160 -20.30 -29.14 -14.84
N LEU E 161 -19.83 -28.71 -13.66
CA LEU E 161 -20.11 -29.42 -12.41
C LEU E 161 -21.61 -29.33 -12.09
N VAL E 162 -22.22 -28.16 -12.29
CA VAL E 162 -23.66 -28.03 -12.06
C VAL E 162 -24.47 -28.97 -12.99
N ARG E 163 -24.12 -29.03 -14.26
CA ARG E 163 -24.81 -29.91 -15.23
C ARG E 163 -24.68 -31.39 -14.79
N GLU E 164 -23.52 -31.77 -14.22
CA GLU E 164 -23.32 -33.10 -13.68
C GLU E 164 -24.23 -33.45 -12.53
N ILE E 165 -24.38 -32.54 -11.55
CA ILE E 165 -25.27 -32.77 -10.41
C ILE E 165 -26.72 -32.83 -10.88
N ARG E 166 -27.09 -31.96 -11.85
CA ARG E 166 -28.43 -31.94 -12.42
C ARG E 166 -28.80 -33.32 -13.01
N GLN E 167 -27.85 -33.95 -13.72
CA GLN E 167 -28.08 -35.28 -14.29
C GLN E 167 -28.14 -36.37 -13.24
N TYR E 168 -27.21 -36.32 -12.28
CA TYR E 168 -27.09 -37.24 -11.16
C TYR E 168 -28.37 -37.31 -10.32
N ARG E 169 -29.08 -36.16 -10.17
CA ARG E 169 -30.33 -36.09 -9.42
C ARG E 169 -31.50 -36.83 -10.10
N MET E 170 -31.42 -37.12 -11.40
CA MET E 170 -32.51 -37.84 -12.08
C MET E 170 -32.39 -39.37 -11.97
N MET F 3 -8.56 -21.81 20.64
CA MET F 3 -8.75 -20.36 20.79
C MET F 3 -10.23 -19.98 20.87
N THR F 4 -10.55 -18.78 21.35
CA THR F 4 -11.96 -18.36 21.44
C THR F 4 -12.50 -18.01 20.04
N GLU F 5 -13.78 -18.30 19.80
CA GLU F 5 -14.39 -18.11 18.49
C GLU F 5 -15.62 -17.21 18.59
N TYR F 6 -15.79 -16.29 17.61
CA TYR F 6 -16.87 -15.31 17.63
C TYR F 6 -17.66 -15.30 16.32
N LYS F 7 -18.98 -15.27 16.42
CA LYS F 7 -19.83 -15.25 15.22
C LYS F 7 -20.31 -13.83 15.01
N LEU F 8 -19.64 -13.11 14.11
CA LEU F 8 -19.96 -11.72 13.82
C LEU F 8 -20.85 -11.63 12.58
N VAL F 9 -21.86 -10.74 12.61
CA VAL F 9 -22.77 -10.60 11.47
C VAL F 9 -22.78 -9.14 11.04
N VAL F 10 -22.57 -8.88 9.74
CA VAL F 10 -22.56 -7.53 9.20
C VAL F 10 -23.91 -7.24 8.50
N VAL F 11 -24.67 -6.25 9.02
CA VAL F 11 -26.01 -5.92 8.51
C VAL F 11 -26.13 -4.44 8.17
N GLY F 12 -27.13 -4.10 7.36
CA GLY F 12 -27.39 -2.75 6.90
C GLY F 12 -27.96 -2.72 5.48
N ALA F 13 -28.43 -1.55 5.06
CA ALA F 13 -29.02 -1.34 3.72
C ALA F 13 -28.09 -1.71 2.56
N GLY F 14 -28.64 -1.91 1.36
CA GLY F 14 -27.82 -2.22 0.20
C GLY F 14 -26.87 -1.09 -0.15
N GLY F 15 -25.64 -1.45 -0.47
CA GLY F 15 -24.65 -0.47 -0.93
C GLY F 15 -23.93 0.34 0.12
N VAL F 16 -24.18 0.10 1.43
CA VAL F 16 -23.52 0.87 2.49
C VAL F 16 -22.04 0.50 2.67
N GLY F 17 -21.62 -0.66 2.17
CA GLY F 17 -20.23 -1.07 2.27
C GLY F 17 -19.93 -2.24 3.20
N LYS F 18 -20.92 -3.08 3.50
CA LYS F 18 -20.69 -4.26 4.37
C LYS F 18 -19.62 -5.22 3.79
N SER F 19 -19.73 -5.53 2.49
CA SER F 19 -18.77 -6.42 1.86
C SER F 19 -17.42 -5.75 1.76
N ALA F 20 -17.37 -4.45 1.42
CA ALA F 20 -16.09 -3.76 1.31
C ALA F 20 -15.37 -3.72 2.66
N LEU F 21 -16.11 -3.49 3.77
CA LEU F 21 -15.55 -3.45 5.13
C LEU F 21 -15.01 -4.85 5.49
N THR F 22 -15.81 -5.88 5.24
CA THR F 22 -15.42 -7.26 5.54
C THR F 22 -14.17 -7.66 4.76
N ILE F 23 -14.15 -7.41 3.44
CA ILE F 23 -13.03 -7.80 2.58
C ILE F 23 -11.75 -7.01 2.95
N GLN F 24 -11.91 -5.75 3.38
CA GLN F 24 -10.80 -4.92 3.83
C GLN F 24 -10.21 -5.53 5.12
N LEU F 25 -11.06 -5.96 6.06
CA LEU F 25 -10.60 -6.61 7.27
C LEU F 25 -9.90 -7.95 6.99
N ILE F 26 -10.52 -8.82 6.18
CA ILE F 26 -10.04 -10.17 5.88
C ILE F 26 -8.81 -10.22 4.97
N GLN F 27 -8.89 -9.49 3.84
CA GLN F 27 -7.92 -9.55 2.76
C GLN F 27 -7.08 -8.29 2.54
N ASN F 28 -7.31 -7.18 3.28
CA ASN F 28 -6.50 -5.96 3.14
C ASN F 28 -6.48 -5.33 1.74
N HIS F 29 -7.64 -5.27 1.11
CA HIS F 29 -7.79 -4.61 -0.18
C HIS F 29 -9.20 -4.07 -0.34
N PHE F 30 -9.34 -3.00 -1.12
CA PHE F 30 -10.62 -2.35 -1.31
C PHE F 30 -11.30 -2.82 -2.57
N VAL F 31 -12.54 -3.25 -2.46
CA VAL F 31 -13.32 -3.65 -3.62
C VAL F 31 -14.00 -2.39 -4.15
N ASP F 32 -13.64 -1.95 -5.36
CA ASP F 32 -14.19 -0.76 -6.00
C ASP F 32 -15.57 -1.01 -6.62
N GLU F 33 -15.78 -2.22 -7.15
CA GLU F 33 -17.03 -2.56 -7.83
C GLU F 33 -18.14 -2.95 -6.86
N TYR F 34 -19.39 -2.76 -7.30
CA TYR F 34 -20.53 -3.15 -6.48
C TYR F 34 -21.05 -4.50 -6.96
N ASP F 35 -20.75 -5.55 -6.21
CA ASP F 35 -21.20 -6.92 -6.47
C ASP F 35 -22.21 -7.22 -5.34
N PRO F 36 -23.52 -7.03 -5.56
CA PRO F 36 -24.50 -7.21 -4.47
C PRO F 36 -24.46 -8.60 -3.87
N THR F 37 -24.55 -8.71 -2.55
CA THR F 37 -24.43 -9.98 -1.84
C THR F 37 -25.78 -10.64 -1.55
N ILE F 38 -25.78 -11.99 -1.48
CA ILE F 38 -26.94 -12.76 -1.01
C ILE F 38 -26.57 -13.11 0.43
N GLU F 39 -25.50 -13.91 0.62
CA GLU F 39 -24.95 -14.25 1.93
C GLU F 39 -23.63 -14.96 1.77
N ASP F 40 -22.54 -14.35 2.21
CA ASP F 40 -21.22 -14.97 2.15
C ASP F 40 -20.68 -15.12 3.59
N SER F 41 -19.78 -16.08 3.82
CA SER F 41 -19.19 -16.25 5.15
C SER F 41 -17.69 -16.35 5.04
N TYR F 42 -17.00 -15.86 6.07
CA TYR F 42 -15.54 -15.85 6.09
C TYR F 42 -15.04 -16.31 7.45
N ARG F 43 -13.87 -16.95 7.48
CA ARG F 43 -13.25 -17.32 8.74
C ARG F 43 -11.87 -16.70 8.72
N LYS F 44 -11.51 -16.01 9.80
CA LYS F 44 -10.22 -15.35 9.87
C LYS F 44 -9.68 -15.46 11.27
N GLN F 45 -8.43 -15.88 11.40
CA GLN F 45 -7.76 -15.98 12.69
C GLN F 45 -7.05 -14.65 12.93
N VAL F 46 -7.32 -14.00 14.06
CA VAL F 46 -6.74 -12.69 14.38
C VAL F 46 -6.24 -12.67 15.84
N VAL F 47 -5.45 -11.64 16.21
CA VAL F 47 -4.99 -11.48 17.58
C VAL F 47 -5.58 -10.16 18.05
N ILE F 48 -6.42 -10.20 19.09
CA ILE F 48 -7.03 -8.98 19.59
C ILE F 48 -6.70 -8.88 21.07
N ASP F 49 -6.03 -7.79 21.48
CA ASP F 49 -5.61 -7.55 22.87
C ASP F 49 -4.75 -8.73 23.38
N GLY F 50 -3.83 -9.19 22.55
CA GLY F 50 -2.95 -10.31 22.88
C GLY F 50 -3.58 -11.68 22.88
N GLU F 51 -4.88 -11.79 22.56
CA GLU F 51 -5.58 -13.07 22.58
C GLU F 51 -5.96 -13.50 21.15
N THR F 52 -5.50 -14.69 20.74
CA THR F 52 -5.78 -15.24 19.42
C THR F 52 -7.21 -15.70 19.37
N SER F 53 -7.94 -15.27 18.35
CA SER F 53 -9.36 -15.55 18.19
C SER F 53 -9.68 -15.97 16.76
N LEU F 54 -10.71 -16.79 16.62
CA LEU F 54 -11.21 -17.18 15.31
C LEU F 54 -12.47 -16.37 15.08
N LEU F 55 -12.52 -15.60 14.00
CA LEU F 55 -13.70 -14.82 13.67
C LEU F 55 -14.46 -15.47 12.53
N ASP F 56 -15.74 -15.77 12.77
CA ASP F 56 -16.65 -16.30 11.77
C ASP F 56 -17.48 -15.13 11.38
N ILE F 57 -17.26 -14.57 10.18
CA ILE F 57 -18.01 -13.38 9.78
C ILE F 57 -19.03 -13.68 8.71
N LEU F 58 -20.27 -13.27 8.95
CA LEU F 58 -21.32 -13.42 7.95
C LEU F 58 -21.61 -12.06 7.30
N ASP F 59 -21.43 -12.00 5.99
CA ASP F 59 -21.68 -10.81 5.20
C ASP F 59 -23.09 -11.00 4.58
N THR F 60 -24.07 -10.23 5.08
CA THR F 60 -25.48 -10.43 4.71
C THR F 60 -25.98 -9.52 3.54
N ALA F 61 -27.22 -9.74 3.08
CA ALA F 61 -27.78 -8.96 1.99
C ALA F 61 -28.48 -7.70 2.52
N GLY F 62 -28.15 -6.57 1.92
CA GLY F 62 -28.87 -5.33 2.18
C GLY F 62 -30.10 -5.22 1.29
N ARG F 63 -30.12 -5.92 0.12
CA ARG F 63 -31.27 -5.90 -0.78
C ARG F 63 -32.45 -6.53 -0.08
N GLU F 64 -33.59 -5.84 -0.03
CA GLU F 64 -34.83 -6.29 0.63
C GLU F 64 -35.36 -7.60 0.05
N GLU F 65 -35.04 -7.92 -1.20
CA GLU F 65 -35.41 -9.19 -1.86
C GLU F 65 -34.99 -10.40 -1.01
N TYR F 66 -33.86 -10.29 -0.26
CA TYR F 66 -33.38 -11.42 0.54
C TYR F 66 -33.63 -11.25 2.03
N SER F 67 -34.63 -10.42 2.42
CA SER F 67 -34.90 -10.16 3.83
C SER F 67 -35.42 -11.37 4.58
N ALA F 68 -36.03 -12.36 3.89
CA ALA F 68 -36.53 -13.56 4.60
C ALA F 68 -35.43 -14.40 5.25
N MET F 69 -34.16 -14.22 4.82
CA MET F 69 -33.05 -14.96 5.41
C MET F 69 -32.60 -14.40 6.77
N ARG F 70 -33.11 -13.22 7.17
CA ARG F 70 -32.66 -12.57 8.40
C ARG F 70 -32.89 -13.32 9.68
N ASP F 71 -34.12 -13.80 9.94
CA ASP F 71 -34.43 -14.46 11.22
C ASP F 71 -33.44 -15.58 11.58
N GLN F 72 -33.05 -16.41 10.58
CA GLN F 72 -32.12 -17.51 10.77
C GLN F 72 -30.72 -16.99 11.12
N TYR F 73 -30.18 -16.01 10.35
CA TYR F 73 -28.83 -15.52 10.66
C TYR F 73 -28.81 -14.71 11.97
N MET F 74 -29.94 -14.08 12.35
CA MET F 74 -29.99 -13.32 13.58
C MET F 74 -29.97 -14.25 14.81
N ARG F 75 -30.64 -15.39 14.71
CA ARG F 75 -30.62 -16.37 15.81
C ARG F 75 -29.21 -16.89 16.10
N THR F 76 -28.43 -17.19 15.06
CA THR F 76 -27.09 -17.75 15.23
C THR F 76 -26.02 -16.72 15.55
N GLY F 77 -26.19 -15.48 15.07
CA GLY F 77 -25.21 -14.42 15.27
C GLY F 77 -25.00 -14.04 16.73
N GLU F 78 -23.75 -13.86 17.15
CA GLU F 78 -23.43 -13.48 18.53
C GLU F 78 -23.27 -11.96 18.71
N GLY F 79 -22.87 -11.28 17.65
CA GLY F 79 -22.65 -9.85 17.67
C GLY F 79 -22.92 -9.27 16.31
N PHE F 80 -23.40 -8.02 16.25
CA PHE F 80 -23.78 -7.44 14.96
C PHE F 80 -23.16 -6.10 14.71
N LEU F 81 -22.64 -5.86 13.49
CA LEU F 81 -22.19 -4.54 13.08
C LEU F 81 -23.39 -3.93 12.33
N LEU F 82 -23.96 -2.82 12.85
CA LEU F 82 -25.08 -2.12 12.23
C LEU F 82 -24.44 -1.05 11.33
N VAL F 83 -24.40 -1.31 10.03
CA VAL F 83 -23.71 -0.42 9.10
C VAL F 83 -24.67 0.45 8.30
N PHE F 84 -24.36 1.74 8.22
CA PHE F 84 -25.02 2.70 7.36
C PHE F 84 -23.90 3.47 6.62
N ALA F 85 -24.25 4.23 5.57
CA ALA F 85 -23.25 5.05 4.86
C ALA F 85 -23.54 6.53 5.19
N ILE F 86 -22.50 7.29 5.54
CA ILE F 86 -22.65 8.67 5.97
C ILE F 86 -23.17 9.62 4.88
N ASN F 87 -23.23 9.17 3.60
CA ASN F 87 -23.80 9.96 2.49
C ASN F 87 -25.22 9.44 2.09
N ASN F 88 -25.82 8.56 2.90
CA ASN F 88 -27.11 7.95 2.63
C ASN F 88 -27.97 8.00 3.89
N SER F 89 -28.83 9.02 4.00
N SER F 89 -28.84 9.02 3.98
CA SER F 89 -29.69 9.19 5.18
CA SER F 89 -29.72 9.24 5.13
C SER F 89 -30.71 8.07 5.32
C SER F 89 -30.73 8.11 5.31
N LYS F 90 -31.18 7.48 4.20
CA LYS F 90 -32.13 6.37 4.27
C LYS F 90 -31.47 5.16 4.97
N SER F 91 -30.20 4.89 4.68
CA SER F 91 -29.50 3.77 5.31
C SER F 91 -29.34 4.01 6.82
N PHE F 92 -29.22 5.27 7.24
CA PHE F 92 -29.13 5.59 8.66
C PHE F 92 -30.50 5.30 9.32
N ALA F 93 -31.61 5.59 8.63
CA ALA F 93 -32.94 5.30 9.19
C ALA F 93 -33.15 3.77 9.29
N ASP F 94 -32.58 3.00 8.35
CA ASP F 94 -32.69 1.53 8.35
C ASP F 94 -31.99 0.85 9.50
N ILE F 95 -31.05 1.55 10.17
CA ILE F 95 -30.35 1.02 11.34
C ILE F 95 -31.34 0.59 12.42
N ASN F 96 -32.32 1.46 12.74
CA ASN F 96 -33.29 1.13 13.79
C ASN F 96 -34.12 -0.07 13.43
N LEU F 97 -34.46 -0.25 12.13
CA LEU F 97 -35.23 -1.42 11.69
C LEU F 97 -34.44 -2.71 11.99
N TYR F 98 -33.13 -2.73 11.65
CA TYR F 98 -32.30 -3.91 11.90
C TYR F 98 -32.11 -4.12 13.39
N ARG F 99 -31.81 -3.06 14.16
CA ARG F 99 -31.65 -3.17 15.61
C ARG F 99 -32.91 -3.75 16.26
N GLU F 100 -34.09 -3.25 15.87
CA GLU F 100 -35.33 -3.75 16.45
C GLU F 100 -35.61 -5.20 16.06
N GLN F 101 -35.26 -5.59 14.82
CA GLN F 101 -35.50 -6.95 14.36
C GLN F 101 -34.61 -7.93 15.11
N ILE F 102 -33.33 -7.60 15.30
CA ILE F 102 -32.37 -8.46 16.02
C ILE F 102 -32.83 -8.65 17.47
N LYS F 103 -33.29 -7.56 18.12
CA LYS F 103 -33.75 -7.65 19.50
C LYS F 103 -34.98 -8.58 19.59
N ARG F 104 -35.88 -8.47 18.60
CA ARG F 104 -37.06 -9.31 18.55
C ARG F 104 -36.71 -10.79 18.33
N VAL F 105 -35.90 -11.14 17.28
CA VAL F 105 -35.64 -12.56 17.03
C VAL F 105 -34.74 -13.17 18.13
N LYS F 106 -33.81 -12.39 18.69
CA LYS F 106 -32.98 -12.92 19.78
C LYS F 106 -33.66 -12.77 21.17
N ASP F 107 -34.83 -12.12 21.25
CA ASP F 107 -35.60 -11.85 22.49
C ASP F 107 -34.69 -11.26 23.57
N SER F 108 -33.87 -10.28 23.16
CA SER F 108 -32.88 -9.73 24.09
C SER F 108 -32.63 -8.25 23.87
N ASP F 109 -32.50 -7.51 24.98
CA ASP F 109 -32.20 -6.09 24.94
C ASP F 109 -30.68 -5.81 24.99
N ASP F 110 -29.83 -6.83 25.24
CA ASP F 110 -28.39 -6.59 25.39
C ASP F 110 -27.49 -7.34 24.42
N VAL F 111 -27.95 -7.58 23.19
CA VAL F 111 -27.16 -8.26 22.19
C VAL F 111 -25.96 -7.40 21.83
N PRO F 112 -24.72 -7.93 21.86
CA PRO F 112 -23.56 -7.10 21.48
C PRO F 112 -23.68 -6.52 20.08
N MET F 113 -23.57 -5.19 19.97
CA MET F 113 -23.69 -4.50 18.69
C MET F 113 -22.75 -3.29 18.67
N VAL F 114 -22.38 -2.85 17.46
CA VAL F 114 -21.64 -1.63 17.23
C VAL F 114 -22.32 -0.88 16.06
N LEU F 115 -22.41 0.47 16.15
CA LEU F 115 -22.95 1.25 15.06
C LEU F 115 -21.76 1.70 14.19
N VAL F 116 -21.85 1.49 12.87
CA VAL F 116 -20.77 1.79 11.95
C VAL F 116 -21.25 2.78 10.87
N GLY F 117 -20.63 3.96 10.81
CA GLY F 117 -20.91 4.92 9.77
C GLY F 117 -19.80 4.86 8.75
N ASN F 118 -20.07 4.23 7.62
CA ASN F 118 -19.08 3.99 6.59
C ASN F 118 -19.02 5.08 5.51
N LYS F 119 -17.98 5.03 4.67
CA LYS F 119 -17.69 5.98 3.60
C LYS F 119 -17.29 7.32 4.14
N SER F 120 -16.60 7.36 5.32
CA SER F 120 -16.14 8.64 5.91
C SER F 120 -15.16 9.43 5.00
N ASP F 121 -14.61 8.79 3.97
CA ASP F 121 -13.71 9.45 3.04
C ASP F 121 -14.47 10.39 2.09
N LEU F 122 -15.80 10.21 1.91
CA LEU F 122 -16.54 11.02 0.94
C LEU F 122 -16.80 12.45 1.37
N PRO F 123 -16.68 13.43 0.46
CA PRO F 123 -17.03 14.81 0.83
C PRO F 123 -18.55 15.07 0.71
N THR F 124 -19.37 14.02 0.48
CA THR F 124 -20.81 14.10 0.25
C THR F 124 -21.66 13.65 1.45
N ARG F 125 -21.21 13.85 2.70
CA ARG F 125 -21.98 13.38 3.85
C ARG F 125 -23.31 14.16 4.07
N THR F 126 -24.32 13.40 4.48
CA THR F 126 -25.66 13.88 4.80
C THR F 126 -26.07 13.46 6.24
N VAL F 127 -25.28 12.53 6.89
CA VAL F 127 -25.52 12.10 8.26
C VAL F 127 -24.36 12.63 9.07
N ASP F 128 -24.65 13.57 9.96
CA ASP F 128 -23.62 14.18 10.78
C ASP F 128 -23.15 13.22 11.87
N THR F 129 -21.88 13.34 12.26
CA THR F 129 -21.26 12.52 13.29
C THR F 129 -22.07 12.57 14.60
N LYS F 130 -22.45 13.79 15.02
CA LYS F 130 -23.23 13.98 16.25
C LYS F 130 -24.56 13.25 16.28
N GLN F 131 -25.32 13.24 15.17
CA GLN F 131 -26.62 12.54 15.15
C GLN F 131 -26.43 11.01 15.22
N ALA F 132 -25.37 10.47 14.60
CA ALA F 132 -25.10 9.03 14.66
C ALA F 132 -24.62 8.65 16.06
N HIS F 133 -23.75 9.48 16.67
CA HIS F 133 -23.27 9.27 18.04
C HIS F 133 -24.43 9.32 19.02
N GLU F 134 -25.39 10.24 18.81
CA GLU F 134 -26.63 10.37 19.58
C GLU F 134 -27.41 9.04 19.52
N LEU F 135 -27.65 8.49 18.30
CA LEU F 135 -28.36 7.21 18.15
C LEU F 135 -27.66 6.07 18.91
N ALA F 136 -26.33 5.92 18.71
CA ALA F 136 -25.55 4.90 19.40
C ALA F 136 -25.60 5.06 20.92
N LYS F 137 -25.54 6.31 21.43
CA LYS F 137 -25.68 6.53 22.88
C LYS F 137 -27.06 6.06 23.35
N SER F 138 -28.12 6.30 22.58
CA SER F 138 -29.47 5.84 22.95
C SER F 138 -29.56 4.29 23.00
N TYR F 139 -28.70 3.60 22.24
CA TYR F 139 -28.61 2.15 22.24
C TYR F 139 -27.66 1.62 23.33
N GLY F 140 -26.79 2.46 23.86
CA GLY F 140 -25.78 2.03 24.82
C GLY F 140 -24.61 1.33 24.16
N ILE F 141 -24.31 1.65 22.89
CA ILE F 141 -23.22 1.00 22.16
C ILE F 141 -22.23 1.99 21.56
N PRO F 142 -21.03 1.50 21.21
CA PRO F 142 -20.06 2.37 20.53
C PRO F 142 -20.47 2.70 19.10
N PHE F 143 -20.00 3.84 18.60
CA PHE F 143 -20.20 4.26 17.21
C PHE F 143 -18.81 4.42 16.62
N ILE F 144 -18.57 3.84 15.44
CA ILE F 144 -17.27 3.93 14.78
C ILE F 144 -17.42 4.45 13.36
N GLU F 145 -16.69 5.51 13.00
CA GLU F 145 -16.73 6.05 11.65
C GLU F 145 -15.62 5.39 10.86
N THR F 146 -16.00 4.74 9.76
CA THR F 146 -15.04 3.98 8.98
C THR F 146 -15.01 4.41 7.52
N SER F 147 -13.94 3.99 6.82
CA SER F 147 -13.87 4.08 5.39
C SER F 147 -13.24 2.78 4.95
N ALA F 148 -13.99 1.93 4.24
CA ALA F 148 -13.43 0.70 3.66
C ALA F 148 -12.40 1.05 2.54
N LYS F 149 -12.54 2.24 1.95
CA LYS F 149 -11.64 2.71 0.91
C LYS F 149 -10.25 2.99 1.47
N THR F 150 -10.17 3.68 2.61
CA THR F 150 -8.88 4.05 3.21
C THR F 150 -8.43 3.08 4.32
N ARG F 151 -9.32 2.17 4.78
CA ARG F 151 -9.15 1.23 5.88
C ARG F 151 -9.24 1.91 7.28
N GLN F 152 -9.56 3.23 7.34
CA GLN F 152 -9.69 3.92 8.62
C GLN F 152 -10.83 3.33 9.43
N GLY F 153 -10.56 3.02 10.69
CA GLY F 153 -11.55 2.49 11.62
C GLY F 153 -12.05 1.09 11.35
N VAL F 154 -11.54 0.40 10.32
CA VAL F 154 -12.04 -0.94 9.97
C VAL F 154 -11.75 -1.94 11.08
N GLU F 155 -10.49 -1.98 11.56
CA GLU F 155 -10.15 -2.87 12.66
C GLU F 155 -10.87 -2.44 13.92
N ASP F 156 -11.01 -1.12 14.15
CA ASP F 156 -11.70 -0.58 15.32
C ASP F 156 -13.14 -1.09 15.35
N ALA F 157 -13.81 -1.08 14.20
CA ALA F 157 -15.21 -1.53 14.14
C ALA F 157 -15.36 -3.01 14.52
N PHE F 158 -14.61 -3.91 13.87
CA PHE F 158 -14.73 -5.33 14.14
C PHE F 158 -14.17 -5.74 15.50
N TYR F 159 -13.01 -5.23 15.86
CA TYR F 159 -12.37 -5.60 17.13
C TYR F 159 -13.17 -5.02 18.33
N THR F 160 -13.80 -3.83 18.17
CA THR F 160 -14.67 -3.32 19.25
C THR F 160 -15.85 -4.29 19.49
N LEU F 161 -16.45 -4.82 18.40
CA LEU F 161 -17.53 -5.77 18.54
C LEU F 161 -17.04 -7.05 19.22
N VAL F 162 -15.86 -7.57 18.85
CA VAL F 162 -15.30 -8.75 19.51
C VAL F 162 -15.09 -8.48 21.02
N ARG F 163 -14.57 -7.29 21.38
CA ARG F 163 -14.37 -6.91 22.79
C ARG F 163 -15.71 -6.79 23.53
N GLU F 164 -16.76 -6.32 22.86
CA GLU F 164 -18.11 -6.22 23.45
C GLU F 164 -18.65 -7.63 23.72
N ILE F 165 -18.44 -8.57 22.78
CA ILE F 165 -18.88 -9.96 22.96
C ILE F 165 -18.10 -10.61 24.10
N ARG F 166 -16.79 -10.33 24.19
CA ARG F 166 -15.93 -10.87 25.27
C ARG F 166 -16.50 -10.52 26.64
N GLN F 167 -16.87 -9.25 26.84
CA GLN F 167 -17.40 -8.78 28.10
C GLN F 167 -18.78 -9.35 28.38
N TYR F 168 -19.65 -9.42 27.35
CA TYR F 168 -20.99 -9.98 27.45
C TYR F 168 -20.96 -11.45 27.91
N ARG F 169 -19.95 -12.19 27.50
CA ARG F 169 -19.81 -13.60 27.86
C ARG F 169 -19.50 -13.80 29.33
N MET F 170 -18.75 -12.88 29.92
CA MET F 170 -18.39 -12.98 31.34
C MET F 170 -19.48 -12.43 32.24
N PHE G 1 -23.92 15.24 -17.64
CA PHE G 1 -22.87 16.13 -17.13
C PHE G 1 -22.55 15.59 -15.77
N ILE G 2 -21.25 15.46 -15.47
CA ILE G 2 -20.99 14.95 -14.13
C ILE G 2 -20.36 16.05 -13.29
N TYR G 3 -20.86 16.30 -12.06
CA TYR G 3 -20.36 17.36 -11.20
C TYR G 3 -18.89 17.20 -10.88
N TRP G 4 -18.46 15.99 -10.42
CA TRP G 4 -17.09 15.68 -9.97
C TRP G 4 -16.59 14.46 -10.71
N PRO G 5 -16.04 14.55 -11.95
CA PRO G 5 -15.61 13.36 -12.70
C PRO G 5 -14.46 12.50 -12.18
N TRP G 6 -13.57 13.08 -11.36
CA TRP G 6 -12.44 12.31 -10.81
C TRP G 6 -12.78 11.73 -9.45
N ALA G 7 -13.99 11.96 -8.89
CA ALA G 7 -14.33 11.46 -7.56
C ALA G 7 -15.04 10.12 -7.60
CA CCS G 14 -26.65 11.99 -15.04
CB CCS G 14 -26.05 11.71 -16.45
SG CCS G 14 -26.22 13.18 -17.50
CD CCS G 14 -24.76 13.12 -18.62
CE CCS G 14 -23.63 14.01 -18.13
OZ1 CCS G 14 -22.48 13.59 -18.23
N PHE H 1 6.80 3.80 11.06
CA PHE H 1 8.02 3.61 11.87
C PHE H 1 9.17 4.31 11.16
N ILE H 2 10.35 4.33 11.81
CA ILE H 2 11.51 4.98 11.16
C ILE H 2 12.11 4.01 10.16
N TYR H 3 12.18 4.34 8.86
CA TYR H 3 12.74 3.41 7.88
C TYR H 3 14.18 3.04 8.15
N TRP H 4 15.09 4.04 8.35
CA TRP H 4 16.54 3.81 8.56
C TRP H 4 16.96 4.48 9.86
N PRO H 5 16.74 3.86 11.05
CA PRO H 5 17.07 4.48 12.33
C PRO H 5 18.51 4.86 12.61
N TRP H 6 19.51 4.22 11.94
CA TRP H 6 20.94 4.53 12.12
C TRP H 6 21.44 5.53 11.08
N ALA H 7 20.63 5.97 10.08
CA ALA H 7 21.15 6.91 9.07
C ALA H 7 20.42 8.24 8.97
N PHE I 1 37.78 0.43 3.77
CA PHE I 1 36.74 0.16 4.77
C PHE I 1 35.59 1.16 4.64
N ILE I 2 34.34 0.70 4.34
CA ILE I 2 33.22 1.66 4.27
C ILE I 2 32.60 1.69 5.66
N TYR I 3 32.56 2.83 6.38
CA TYR I 3 31.99 2.84 7.74
C TYR I 3 30.53 2.44 7.79
N TRP I 4 29.68 3.04 6.92
CA TRP I 4 28.22 2.82 6.90
C TRP I 4 27.82 2.48 5.48
N PRO I 5 27.95 1.22 4.99
CA PRO I 5 27.60 0.89 3.61
C PRO I 5 26.16 1.06 3.19
N TRP I 6 25.19 1.06 4.13
CA TRP I 6 23.77 1.22 3.77
C TRP I 6 23.35 2.69 3.78
N ALA I 7 24.23 3.65 4.17
CA ALA I 7 23.84 5.06 4.18
C ALA I 7 24.07 5.71 2.82
N PHE J 1 0.34 14.69 -38.99
CA PHE J 1 1.02 14.23 -37.79
C PHE J 1 0.49 12.94 -37.24
N ILE J 2 -0.50 12.27 -37.92
CA ILE J 2 -1.06 11.04 -37.38
C ILE J 2 -0.56 9.82 -38.13
N TYR J 3 -0.05 8.82 -37.38
CA TYR J 3 0.52 7.57 -37.86
C TYR J 3 -0.44 6.49 -37.39
N TRP J 4 -1.38 6.04 -38.28
CA TRP J 4 -2.42 5.07 -37.93
C TRP J 4 -1.83 3.67 -37.81
N PRO J 5 -2.42 2.68 -37.09
CA PRO J 5 -1.86 1.34 -37.04
C PRO J 5 -1.80 0.57 -38.35
N TRP J 6 -2.62 1.02 -39.34
CA TRP J 6 -2.68 0.39 -40.66
C TRP J 6 -1.81 1.11 -41.68
N ALA J 7 -1.16 2.24 -41.34
CA ALA J 7 -0.38 3.01 -42.29
C ALA J 7 1.03 2.50 -42.53
N ASP J 8 1.64 2.81 -43.69
CA ASP J 8 3.02 2.41 -43.94
C ASP J 8 3.88 3.03 -42.84
N LEU J 9 4.89 2.28 -42.38
CA LEU J 9 5.76 2.68 -41.29
C LEU J 9 6.40 4.04 -41.52
N GLY J 10 6.17 4.99 -40.59
CA GLY J 10 6.72 6.34 -40.66
C GLY J 10 6.05 7.22 -41.68
N VAL J 11 4.84 6.85 -42.21
CA VAL J 11 4.19 7.70 -43.22
C VAL J 11 3.00 8.36 -42.53
N PRO J 12 2.91 9.71 -42.36
CA PRO J 12 1.76 10.28 -41.71
C PRO J 12 0.58 10.57 -42.64
N ASP J 13 -0.61 10.70 -42.06
CA ASP J 13 -1.86 11.04 -42.75
C ASP J 13 -2.10 12.48 -42.37
N CCS J 14 -2.14 13.38 -43.37
CA CCS J 14 -2.35 14.78 -43.06
CB CCS J 14 -1.14 15.61 -43.62
SG CCS J 14 0.46 15.11 -42.87
CD CCS J 14 0.06 15.61 -41.17
CE CCS J 14 0.96 14.97 -40.16
OZ1 CCS J 14 2.15 14.79 -40.38
C CCS J 14 -3.70 15.23 -43.62
O CCS J 14 -3.99 16.42 -43.50
N GLY J 15 -4.57 14.36 -44.21
CA GLY J 15 -5.83 14.82 -44.81
C GLY J 15 -6.93 15.08 -43.79
N NH2 J 16 -6.83 14.59 -42.53
N PHE K 1 0.06 46.64 -0.78
CA PHE K 1 -1.25 46.14 -1.25
C PHE K 1 -2.11 45.50 -0.20
N ILE K 2 -1.64 45.36 1.06
CA ILE K 2 -2.44 44.72 2.09
C ILE K 2 -3.10 45.72 3.01
N TYR K 3 -4.42 45.59 3.23
CA TYR K 3 -5.16 46.48 4.12
C TYR K 3 -5.68 45.59 5.22
N TRP K 4 -5.14 45.73 6.45
CA TRP K 4 -5.51 44.93 7.61
C TRP K 4 -6.84 45.36 8.18
N PRO K 5 -7.65 44.47 8.82
CA PRO K 5 -8.96 44.89 9.34
C PRO K 5 -8.97 45.92 10.45
N TRP K 6 -7.82 46.08 11.15
CA TRP K 6 -7.75 47.08 12.23
C TRP K 6 -7.19 48.38 11.67
N ALA K 7 -6.58 48.38 10.46
CA ALA K 7 -5.99 49.62 9.95
C ALA K 7 -7.00 50.66 9.56
N ASP K 8 -6.55 51.95 9.51
CA ASP K 8 -7.41 53.07 9.13
C ASP K 8 -7.81 52.88 7.69
N LEU K 9 -9.05 53.30 7.38
CA LEU K 9 -9.64 53.20 6.05
C LEU K 9 -8.67 53.58 4.97
N GLY K 10 -8.38 52.67 4.01
CA GLY K 10 -7.51 52.98 2.89
C GLY K 10 -6.04 53.07 3.19
N VAL K 11 -5.54 52.66 4.37
CA VAL K 11 -4.09 52.75 4.62
C VAL K 11 -3.49 51.37 4.42
N PRO K 12 -2.65 51.14 3.37
CA PRO K 12 -2.08 49.83 3.15
C PRO K 12 -0.83 49.63 3.95
N ASP K 13 -0.42 48.35 4.05
CA ASP K 13 0.81 48.00 4.73
C ASP K 13 1.63 47.52 3.57
N CCS K 14 2.72 48.23 3.23
CA CCS K 14 3.58 47.86 2.11
CB CCS K 14 3.77 49.14 1.25
SG CCS K 14 2.20 49.64 0.47
CD CCS K 14 1.93 48.14 -0.54
CE CCS K 14 0.48 47.92 -0.89
OZ1 CCS K 14 -0.22 48.84 -1.28
C CCS K 14 4.92 47.37 2.64
O CCS K 14 5.82 47.27 1.82
N GLY K 15 5.07 47.04 3.95
CA GLY K 15 6.35 46.64 4.54
C GLY K 15 6.85 45.26 4.19
N NH2 K 16 6.09 44.44 3.43
N PHE L 1 1.39 13.32 1.89
CA PHE L 1 0.55 14.44 1.46
C PHE L 1 -0.81 13.85 1.08
N ILE L 2 -1.82 14.74 0.93
CA ILE L 2 -3.17 14.27 0.61
C ILE L 2 -3.28 13.91 -0.85
N TYR L 3 -3.59 12.64 -1.20
CA TYR L 3 -3.63 12.26 -2.61
C TYR L 3 -4.70 13.02 -3.37
N TRP L 4 -5.95 13.02 -2.88
CA TRP L 4 -7.08 13.64 -3.61
C TRP L 4 -7.79 14.61 -2.67
N PRO L 5 -7.28 15.85 -2.44
CA PRO L 5 -7.88 16.79 -1.51
C PRO L 5 -9.32 17.18 -1.71
N TRP L 6 -9.87 17.12 -2.95
CA TRP L 6 -11.26 17.53 -3.19
C TRP L 6 -12.20 16.33 -3.20
N ALA L 7 -11.71 15.07 -3.09
CA ALA L 7 -12.58 13.90 -3.21
C ALA L 7 -12.41 12.82 -2.15
N ASP L 8 -11.30 12.88 -1.37
CA ASP L 8 -11.02 11.85 -0.39
C ASP L 8 -10.48 12.51 0.86
N LEU L 9 -11.34 12.45 1.91
CA LEU L 9 -11.03 13.03 3.21
C LEU L 9 -10.20 12.12 4.08
N GLY L 10 -9.74 10.95 3.56
CA GLY L 10 -8.90 10.01 4.29
C GLY L 10 -7.62 10.65 4.77
N VAL L 11 -7.26 10.37 6.04
CA VAL L 11 -6.06 10.90 6.69
C VAL L 11 -4.87 10.38 5.90
N PRO L 12 -3.88 11.22 5.55
CA PRO L 12 -2.77 10.78 4.72
C PRO L 12 -1.97 9.64 5.29
N ASP L 13 -1.69 8.67 4.38
CA ASP L 13 -0.93 7.43 4.54
C ASP L 13 0.42 7.57 5.19
N CCS L 14 0.92 8.81 5.44
CA CCS L 14 2.24 9.01 6.04
CB CCS L 14 3.12 9.92 5.14
SG CCS L 14 2.36 11.56 4.79
CD CCS L 14 3.08 12.12 3.20
CE CCS L 14 2.33 13.38 2.86
OZ1 CCS L 14 2.60 14.39 3.49
C CCS L 14 2.11 9.53 7.48
O CCS L 14 2.62 10.61 7.74
N GLY L 15 1.41 8.87 8.43
CA GLY L 15 0.77 7.58 8.23
C GLY L 15 1.45 6.49 9.03
N NH2 L 16 1.35 6.51 10.38
N PHE M 1 18.17 -10.39 39.31
CA PHE M 1 19.42 -9.92 38.71
C PHE M 1 19.50 -8.41 38.62
N ILE M 2 18.51 -7.63 39.12
CA ILE M 2 18.61 -6.18 38.98
C ILE M 2 19.08 -5.50 40.25
N TYR M 3 20.12 -4.64 40.19
CA TYR M 3 20.67 -3.92 41.34
C TYR M 3 20.33 -2.47 41.09
N TRP M 4 19.26 -1.90 41.72
CA TRP M 4 18.86 -0.53 41.50
C TRP M 4 19.75 0.42 42.23
N PRO M 5 19.89 1.70 41.83
CA PRO M 5 20.75 2.60 42.58
C PRO M 5 20.35 2.86 44.01
N TRP M 6 19.04 2.68 44.35
CA TRP M 6 18.60 2.89 45.73
C TRP M 6 18.75 1.62 46.53
N ALA M 7 19.03 0.44 45.92
CA ALA M 7 19.11 -0.81 46.68
C ALA M 7 20.33 -0.96 47.54
N ASP M 8 20.29 -1.90 48.53
CA ASP M 8 21.45 -2.15 49.37
C ASP M 8 22.52 -2.77 48.49
N LEU M 9 23.79 -2.41 48.75
CA LEU M 9 24.92 -2.86 47.94
C LEU M 9 24.95 -4.37 47.78
N GLY M 10 24.90 -4.85 46.51
CA GLY M 10 24.95 -6.29 46.29
C GLY M 10 23.67 -7.05 46.57
N VAL M 11 22.49 -6.39 46.76
CA VAL M 11 21.26 -7.16 47.00
C VAL M 11 20.39 -7.01 45.76
N PRO M 12 20.07 -8.08 44.99
CA PRO M 12 19.27 -7.86 43.82
C PRO M 12 17.78 -7.78 44.12
N ASP M 13 17.03 -7.27 43.14
CA ASP M 13 15.57 -7.19 43.18
C ASP M 13 15.17 -8.29 42.23
N CCS M 14 14.48 -9.34 42.71
CA CCS M 14 14.07 -10.45 41.86
CB CCS M 14 14.65 -11.77 42.45
SG CCS M 14 16.46 -11.76 42.50
CD CCS M 14 16.78 -11.77 40.71
CE CCS M 14 18.14 -11.26 40.34
OZ1 CCS M 14 19.15 -11.63 40.93
C CCS M 14 12.55 -10.53 41.86
O CCS M 14 12.07 -11.64 41.63
N GLY M 15 11.80 -9.44 42.12
CA GLY M 15 10.34 -9.57 42.16
C GLY M 15 9.63 -8.97 40.96
N NH2 M 16 10.32 -8.70 39.82
N PHE N 1 25.26 -28.32 -5.71
CA PHE N 1 24.05 -27.51 -5.56
C PHE N 1 23.95 -26.36 -6.56
N ILE N 2 24.91 -26.22 -7.49
CA ILE N 2 24.88 -25.12 -8.43
C ILE N 2 24.39 -25.54 -9.79
N TYR N 3 23.38 -24.83 -10.33
CA TYR N 3 22.86 -25.08 -11.65
C TYR N 3 23.23 -23.88 -12.50
N TRP N 4 24.29 -23.98 -13.36
CA TRP N 4 24.79 -22.88 -14.19
C TRP N 4 23.92 -22.60 -15.39
N PRO N 5 23.86 -21.39 -15.99
CA PRO N 5 23.01 -21.23 -17.18
C PRO N 5 23.40 -22.07 -18.37
N TRP N 6 24.68 -22.53 -18.43
CA TRP N 6 25.13 -23.36 -19.53
C TRP N 6 24.93 -24.84 -19.24
N ALA N 7 24.53 -25.26 -18.01
CA ALA N 7 24.41 -26.68 -17.74
C ALA N 7 23.15 -27.35 -18.24
N ASP N 8 23.11 -28.71 -18.17
CA ASP N 8 21.93 -29.48 -18.56
C ASP N 8 20.85 -29.19 -17.54
N LEU N 9 19.58 -29.15 -17.98
CA LEU N 9 18.46 -28.84 -17.11
C LEU N 9 18.33 -29.76 -15.92
N GLY N 10 18.46 -29.24 -14.68
CA GLY N 10 18.32 -30.12 -13.52
C GLY N 10 19.58 -30.90 -13.18
N VAL N 11 20.71 -30.65 -13.90
CA VAL N 11 21.98 -31.32 -13.64
C VAL N 11 22.87 -30.38 -12.85
N PRO N 12 23.24 -30.67 -11.58
CA PRO N 12 24.05 -29.72 -10.82
C PRO N 12 25.53 -29.93 -10.95
N ASP N 13 26.31 -28.85 -10.69
CA ASP N 13 27.77 -28.90 -10.70
C ASP N 13 28.15 -29.15 -9.27
N CCS N 14 28.76 -30.32 -8.99
CA CCS N 14 29.18 -30.62 -7.64
CB CCS N 14 28.51 -31.94 -7.18
SG CCS N 14 26.70 -31.73 -7.11
CD CCS N 14 26.62 -30.33 -5.92
CE CCS N 14 25.25 -29.66 -5.95
OZ1 CCS N 14 24.24 -30.31 -6.16
C CCS N 14 30.70 -30.71 -7.62
O CCS N 14 31.21 -31.54 -6.89
N GLY N 15 31.42 -29.94 -8.46
CA GLY N 15 32.88 -30.00 -8.51
C GLY N 15 33.43 -29.28 -7.31
N NH2 N 16 33.07 -27.99 -7.09
N PHE O 1 -11.88 -25.46 -23.81
CA PHE O 1 -11.11 -25.82 -22.62
C PHE O 1 -11.64 -27.06 -21.92
N ILE O 2 -12.66 -27.75 -22.48
CA ILE O 2 -13.20 -28.94 -21.82
C ILE O 2 -12.67 -30.22 -22.45
N TYR O 3 -12.20 -31.20 -21.64
CA TYR O 3 -11.68 -32.48 -22.14
C TYR O 3 -12.59 -33.53 -21.56
N TRP O 4 -13.58 -33.97 -22.39
CA TRP O 4 -14.61 -34.93 -21.96
C TRP O 4 -14.02 -36.29 -21.75
N PRO O 5 -14.59 -37.19 -20.91
CA PRO O 5 -13.98 -38.52 -20.77
C PRO O 5 -14.07 -39.37 -22.02
N TRP O 6 -15.06 -39.07 -22.90
CA TRP O 6 -15.21 -39.85 -24.13
C TRP O 6 -14.34 -39.32 -25.25
N ALA O 7 -13.75 -38.12 -25.16
CA ALA O 7 -12.90 -37.59 -26.23
C ALA O 7 -11.52 -38.20 -26.29
N ASP O 8 -10.87 -38.21 -27.48
CA ASP O 8 -9.55 -38.82 -27.57
C ASP O 8 -8.56 -38.01 -26.74
N LEU O 9 -7.50 -38.68 -26.29
CA LEU O 9 -6.50 -38.06 -25.41
C LEU O 9 -6.00 -36.71 -25.89
N GLY O 10 -6.26 -35.62 -25.13
CA GLY O 10 -5.81 -34.29 -25.53
C GLY O 10 -6.75 -33.62 -26.51
N VAL O 11 -7.92 -34.20 -26.90
CA VAL O 11 -8.77 -33.44 -27.84
C VAL O 11 -9.75 -32.58 -27.05
N PRO O 12 -9.72 -31.21 -27.08
CA PRO O 12 -10.70 -30.42 -26.35
C PRO O 12 -11.97 -30.20 -27.14
N ASP O 13 -13.02 -29.71 -26.45
CA ASP O 13 -14.31 -29.41 -27.05
C ASP O 13 -14.44 -27.91 -26.90
N CCS O 14 -14.44 -27.18 -28.02
CA CCS O 14 -14.60 -25.72 -28.01
CB CCS O 14 -13.32 -25.04 -28.61
SG CCS O 14 -11.80 -25.58 -27.74
CD CCS O 14 -12.26 -24.88 -26.13
CE CCS O 14 -11.33 -25.39 -25.05
OZ1 CCS O 14 -10.18 -25.68 -25.32
C CCS O 14 -15.84 -25.43 -28.85
O CCS O 14 -15.81 -24.49 -29.62
N GLY O 15 -16.91 -26.27 -28.76
CA GLY O 15 -18.10 -26.06 -29.58
C GLY O 15 -19.26 -25.59 -28.74
N NH2 O 16 -19.04 -24.79 -27.67
N PHE P 1 -11.45 7.24 15.68
CA PHE P 1 -12.73 6.94 15.06
C PHE P 1 -13.75 6.31 15.98
N ILE P 2 -13.46 6.15 17.30
CA ILE P 2 -14.44 5.51 18.19
C ILE P 2 -15.20 6.49 19.04
N TYR P 3 -16.56 6.49 18.98
CA TYR P 3 -17.39 7.38 19.77
C TYR P 3 -18.04 6.50 20.79
N TRP P 4 -17.48 6.54 22.03
CA TRP P 4 -17.94 5.71 23.15
C TRP P 4 -19.26 6.22 23.67
N PRO P 5 -20.15 5.39 24.28
CA PRO P 5 -21.41 5.93 24.78
C PRO P 5 -21.32 6.94 25.91
N TRP P 6 -20.15 7.04 26.60
CA TRP P 6 -20.03 8.01 27.69
C TRP P 6 -19.36 9.29 27.23
N ALA P 7 -18.81 9.37 26.00
CA ALA P 7 -18.10 10.56 25.55
C ALA P 7 -18.97 11.71 25.18
N ASP P 8 -18.45 12.96 25.18
CA ASP P 8 -19.26 14.10 24.76
C ASP P 8 -19.67 13.81 23.33
N LEU P 9 -20.84 14.36 22.90
CA LEU P 9 -21.37 14.19 21.55
C LEU P 9 -20.37 14.59 20.49
N GLY P 10 -20.02 13.67 19.55
CA GLY P 10 -19.10 13.97 18.46
C GLY P 10 -17.64 14.01 18.84
N VAL P 11 -17.26 13.53 20.04
CA VAL P 11 -15.85 13.57 20.46
C VAL P 11 -15.30 12.17 20.31
N PRO P 12 -14.33 11.97 19.37
CA PRO P 12 -13.82 10.64 19.15
C PRO P 12 -12.69 10.26 20.06
N ASP P 13 -12.44 8.94 20.21
CA ASP P 13 -11.32 8.46 20.97
C ASP P 13 -10.31 7.98 19.97
N CCS P 14 -9.14 8.66 19.92
CA CCS P 14 -8.06 8.30 19.00
CB CCS P 14 -7.78 9.50 18.04
SG CCS P 14 -9.32 10.01 17.19
CD CCS P 14 -9.45 8.57 16.09
CE CCS P 14 -10.87 8.46 15.58
OZ1 CCS P 14 -11.42 9.41 15.06
C CCS P 14 -6.83 7.89 19.81
O CCS P 14 -5.73 7.95 19.28
N GLY P 15 -7.02 7.49 21.10
CA GLY P 15 -5.94 7.09 22.00
C GLY P 15 -6.12 5.61 22.23
N NH2 P 16 -5.75 4.81 21.20
MG MG Q . 3.39 18.43 -15.80
PG GTP R . 5.93 16.47 -15.02
O1G GTP R . 7.03 16.62 -13.98
O2G GTP R . 4.73 17.32 -14.69
O3G GTP R . 5.57 15.01 -15.29
O3B GTP R . 6.39 17.05 -16.49
PB GTP R . 5.62 17.39 -17.85
O1B GTP R . 4.32 17.99 -17.49
O2B GTP R . 5.64 16.17 -18.71
O3A GTP R . 6.55 18.49 -18.53
PA GTP R . 6.22 20.00 -18.93
O1A GTP R . 6.27 20.83 -17.72
O2A GTP R . 5.01 20.03 -19.77
O5' GTP R . 7.46 20.33 -19.87
C5' GTP R . 8.82 20.23 -19.38
C4' GTP R . 9.72 21.16 -20.17
O4' GTP R . 9.74 20.77 -21.56
C3' GTP R . 9.34 22.64 -20.15
O3' GTP R . 10.51 23.46 -20.06
C2' GTP R . 8.61 22.82 -21.47
O2' GTP R . 8.67 24.16 -21.95
C1' GTP R . 9.38 21.86 -22.38
N9 GTP R . 8.59 21.36 -23.50
C8 GTP R . 7.35 20.78 -23.42
N7 GTP R . 6.82 20.53 -24.60
C5 GTP R . 7.77 20.97 -25.50
C6 GTP R . 7.78 20.96 -26.94
O6 GTP R . 6.89 20.54 -27.69
N1 GTP R . 8.94 21.50 -27.45
C2 GTP R . 9.99 21.99 -26.71
N2 GTP R . 11.05 22.47 -27.38
N3 GTP R . 10.00 21.99 -25.38
C4 GTP R . 8.87 21.47 -24.85
MG MG S . -12.15 31.03 -14.44
PG GTP T . -15.05 32.53 -14.62
O1G GTP T . -16.05 32.59 -15.75
O2G GTP T . -14.08 31.39 -14.79
O3G GTP T . -15.70 32.57 -13.25
O3B GTP T . -14.12 33.88 -14.70
PB GTP T . -12.75 34.27 -13.98
O1B GTP T . -11.92 33.04 -13.92
O2B GTP T . -13.03 35.04 -12.74
O3A GTP T . -12.05 35.25 -15.05
PA GTP T . -10.67 35.10 -15.85
O1A GTP T . -10.89 34.16 -16.96
O2A GTP T . -9.54 34.91 -14.92
O5' GTP T . -10.51 36.61 -16.41
C5' GTP T . -11.56 37.18 -17.23
C4' GTP T . -10.96 38.22 -18.15
O4' GTP T . -10.41 39.32 -17.38
C3' GTP T . -9.83 37.75 -19.06
O3' GTP T . -9.89 38.39 -20.34
C2' GTP T . -8.57 38.17 -18.29
O2' GTP T . -7.46 38.44 -19.14
C1' GTP T . -9.04 39.47 -17.64
N9 GTP T . -8.34 39.80 -16.39
C8 GTP T . -8.18 38.98 -15.28
N7 GTP T . -7.44 39.53 -14.35
C5 GTP T . -7.09 40.77 -14.86
C6 GTP T . -6.28 41.82 -14.31
O6 GTP T . -5.78 41.86 -13.18
N1 GTP T . -6.15 42.89 -15.19
C2 GTP T . -6.75 42.98 -16.42
N2 GTP T . -6.52 44.09 -17.13
N3 GTP T . -7.52 42.01 -16.94
C4 GTP T . -7.64 40.94 -16.11
MG MG U . 30.22 -8.86 18.97
PG GTP V . 33.21 -8.09 19.93
O1G GTP V . 34.57 -8.37 19.35
O2G GTP V . 32.10 -8.26 18.92
O3G GTP V . 33.16 -6.74 20.65
O3B GTP V . 32.80 -9.14 21.13
PB GTP V . 31.44 -9.45 21.91
O1B GTP V . 30.33 -9.39 20.95
O2B GTP V . 31.35 -8.62 23.13
O3A GTP V . 31.64 -10.98 22.35
PA GTP V . 30.73 -12.24 21.98
O1A GTP V . 31.10 -12.64 20.60
O2A GTP V . 29.32 -11.96 22.31
O5' GTP V . 31.27 -13.32 23.03
C5' GTP V . 32.68 -13.63 23.12
C4' GTP V . 32.84 -15.03 23.65
O4' GTP V . 32.34 -15.08 25.01
C3' GTP V . 32.08 -16.11 22.88
O3' GTP V . 32.84 -17.31 22.77
C2' GTP V . 30.81 -16.31 23.70
O2' GTP V . 30.30 -17.64 23.61
C1' GTP V . 31.33 -16.07 25.11
N9 GTP V . 30.29 -15.60 26.03
C8 GTP V . 29.45 -14.53 25.85
N7 GTP V . 28.60 -14.39 26.82
C5 GTP V . 28.90 -15.41 27.69
C6 GTP V . 28.29 -15.78 28.94
O6 GTP V . 27.40 -15.19 29.53
N1 GTP V . 28.87 -16.92 29.47
C2 GTP V . 29.89 -17.61 28.92
N2 GTP V . 30.30 -18.70 29.57
N3 GTP V . 30.48 -17.27 27.78
C4 GTP V . 29.93 -16.17 27.22
MG MG W . 13.81 -12.82 7.92
PG GTP X . 10.86 -12.81 6.62
O1G GTP X . 9.50 -12.61 7.25
O2G GTP X . 11.96 -12.29 7.51
O3G GTP X . 10.92 -12.23 5.22
O3B GTP X . 11.23 -14.41 6.53
PB GTP X . 12.56 -15.22 6.18
O1B GTP X . 13.68 -14.55 6.87
O2B GTP X . 12.61 -15.43 4.71
O3A GTP X . 12.32 -16.62 6.91
PA GTP X . 13.17 -17.26 8.10
O1A GTP X . 12.79 -16.63 9.38
O2A GTP X . 14.60 -17.36 7.73
O5' GTP X . 12.53 -18.73 8.03
C5' GTP X . 11.13 -18.94 8.22
C4' GTP X . 10.94 -20.33 8.80
O4' GTP X . 11.42 -21.32 7.86
C3' GTP X . 11.65 -20.61 10.13
O3' GTP X . 10.81 -21.38 10.97
C2' GTP X . 12.90 -21.39 9.68
O2' GTP X . 13.40 -22.32 10.63
C1' GTP X . 12.35 -22.17 8.50
N9 GTP X . 13.41 -22.51 7.53
C8 GTP X . 14.26 -21.64 6.92
N7 GTP X . 15.11 -22.21 6.11
C5 GTP X . 14.80 -23.56 6.20
C6 GTP X . 15.34 -24.69 5.53
O6 GTP X . 16.28 -24.71 4.72
N1 GTP X . 14.70 -25.86 5.88
C2 GTP X . 13.65 -25.96 6.75
N2 GTP X . 13.12 -27.17 6.93
N3 GTP X . 13.14 -24.92 7.41
C4 GTP X . 13.75 -23.76 7.08
MG MG Y . -7.97 -20.14 -0.86
PG GTP Z . -5.37 -21.91 -0.13
O1G GTP Z . -4.22 -21.57 0.81
O2G GTP Z . -6.63 -21.14 0.20
O3G GTP Z . -5.60 -23.40 -0.23
O3B GTP Z . -5.02 -21.40 -1.66
PB GTP Z . -5.87 -21.22 -3.01
O1B GTP Z . -7.15 -20.58 -2.65
O2B GTP Z . -5.88 -22.52 -3.71
O3A GTP Z . -4.97 -20.16 -3.81
PA GTP Z . -5.35 -18.68 -4.30
O1A GTP Z . -5.25 -17.79 -3.12
O2A GTP Z . -6.60 -18.69 -5.07
O5' GTP Z . -4.14 -18.38 -5.29
C5' GTP Z . -2.77 -18.46 -4.83
C4' GTP Z . -1.89 -17.61 -5.72
O4' GTP Z . -1.97 -18.06 -7.10
C3' GTP Z . -2.24 -16.12 -5.75
O3' GTP Z . -1.04 -15.35 -5.81
C2' GTP Z . -3.07 -15.98 -7.03
O2' GTP Z . -3.05 -14.69 -7.60
C1' GTP Z . -2.39 -17.01 -7.93
N9 GTP Z . -3.30 -17.56 -8.95
C8 GTP Z . -4.51 -18.16 -8.76
N7 GTP Z . -5.11 -18.51 -9.88
C5 GTP Z . -4.23 -18.11 -10.88
C6 GTP Z . -4.28 -18.23 -12.29
O6 GTP Z . -5.16 -18.79 -12.94
N1 GTP Z . -3.17 -17.71 -12.91
C2 GTP Z . -2.11 -17.13 -12.27
N2 GTP Z . -1.10 -16.68 -13.03
N3 GTP Z . -2.03 -17.01 -10.94
C4 GTP Z . -3.11 -17.52 -10.31
MG MG AA . -22.42 -7.02 0.06
PG GTP BA . -25.12 -5.42 -0.47
O1G GTP BA . -25.96 -5.23 -1.72
O2G GTP BA . -24.24 -6.65 -0.53
O3G GTP BA . -25.94 -5.36 0.79
O3B GTP BA . -24.10 -4.16 -0.39
PB GTP BA . -22.84 -3.81 0.53
O1B GTP BA . -22.02 -5.03 0.73
O2B GTP BA . -23.36 -3.10 1.73
O3A GTP BA . -22.02 -2.80 -0.39
PA GTP BA . -20.54 -3.00 -0.99
O1A GTP BA . -20.69 -3.89 -2.18
O2A GTP BA . -19.59 -3.35 0.07
O5' GTP BA . -20.23 -1.49 -1.42
C5' GTP BA . -21.08 -0.78 -2.34
C4' GTP BA . -20.25 0.21 -3.13
O4' GTP BA . -19.76 1.25 -2.23
C3' GTP BA . -19.01 -0.35 -3.85
O3' GTP BA . -18.78 0.32 -5.10
C2' GTP BA . -17.88 -0.02 -2.89
O2' GTP BA . -16.63 0.15 -3.53
C1' GTP BA . -18.35 1.31 -2.31
N9 GTP BA . -17.83 1.56 -0.97
C8 GTP BA . -17.89 0.72 0.12
N7 GTP BA . -17.29 1.20 1.19
C5 GTP BA . -16.80 2.43 0.78
C6 GTP BA . -16.10 3.45 1.49
O6 GTP BA . -15.76 3.44 2.67
N1 GTP BA . -15.84 4.56 0.70
C2 GTP BA . -16.22 4.70 -0.60
N2 GTP BA . -15.91 5.87 -1.19
N3 GTP BA . -16.87 3.77 -1.29
C4 GTP BA . -17.13 2.67 -0.55
#